data_5DMH
#
_entry.id   5DMH
#
_cell.length_a   53.130
_cell.length_b   87.666
_cell.length_c   178.988
_cell.angle_alpha   90.000
_cell.angle_beta   90.000
_cell.angle_gamma   90.000
#
_symmetry.space_group_name_H-M   'P 21 21 21'
#
loop_
_entity.id
_entity.type
_entity.pdbx_description
1 polymer 'Uncharacterized protein conserved in bacteria'
2 non-polymer "ADENOSINE-5'-DIPHOSPHATE"
3 water water
#
_entity_poly.entity_id   1
_entity_poly.type   'polypeptide(L)'
_entity_poly.pdbx_seq_one_letter_code
;(MSE)HHHHHHSSGVDLGTENLYFQS(MSE)TAGTLAHRPLLGCIADDFTGATDLANTLVRNG(MSE)RTVQTIGLPDVG
AVQDIGEADALVVALKSRTIPAVEAVAQSLAALQWLRAQGCRQFVFKYCSTFDSTDAGNIGPVAEALLAALDSDFTIACP
AFPENGRTIFRGHLFVGDALLNESG(MSE)EHHPLTP(MSE)TDASLVRVLQRQSKNKVGLLRYDAVARGAHATAERIAA
LRSDGVR(MSE)AIADAVSDADLFTLGEACANLPLITGGSGIALGLPENFRRAGLLPQRGDAASVPAIDGPGVVLAGSAS
RATNGQVARWLEQGRPALRIDPLALARGEAVADAALAFAAGHGEPVLIYATSSPDEVKAVQAELGVERAGHLVEQCLATV
AAGLLARGTRRFVVAGGETSGAVVQALGVRALRIGAQIAPGVPATVTLDAKPLALALKSGNFGGPDFFDEALRQLGGH
;
_entity_poly.pdbx_strand_id   A,B
#
loop_
_chem_comp.id
_chem_comp.type
_chem_comp.name
_chem_comp.formula
ADP non-polymer ADENOSINE-5'-DIPHOSPHATE 'C10 H15 N5 O10 P2'
#
# COMPACT_ATOMS: atom_id res chain seq x y z
N ARG A 31 -11.43 36.41 -20.53
CA ARG A 31 -12.35 35.60 -19.73
C ARG A 31 -12.39 34.18 -20.26
N PRO A 32 -12.81 33.21 -19.42
CA PRO A 32 -12.93 31.81 -19.87
C PRO A 32 -13.91 31.69 -21.03
N LEU A 33 -13.62 30.74 -21.93
CA LEU A 33 -14.38 30.55 -23.14
C LEU A 33 -15.33 29.35 -23.02
N LEU A 34 -14.85 28.31 -22.37
CA LEU A 34 -15.55 27.03 -22.36
C LEU A 34 -15.85 26.57 -20.94
N GLY A 35 -17.12 26.30 -20.64
CA GLY A 35 -17.51 25.90 -19.30
C GLY A 35 -18.03 24.48 -19.35
N CYS A 36 -17.51 23.61 -18.47
CA CYS A 36 -17.78 22.19 -18.56
C CYS A 36 -18.32 21.70 -17.23
N ILE A 37 -19.29 20.83 -17.30
CA ILE A 37 -19.89 20.22 -16.14
C ILE A 37 -19.72 18.72 -16.28
N ALA A 38 -18.96 18.12 -15.36
CA ALA A 38 -18.69 16.69 -15.40
C ALA A 38 -19.42 15.93 -14.28
N ASP A 39 -20.02 14.80 -14.65
CA ASP A 39 -20.80 14.02 -13.71
C ASP A 39 -20.00 13.10 -12.75
N ASP A 40 -18.69 13.08 -12.89
CA ASP A 40 -17.83 12.41 -11.92
C ASP A 40 -16.45 13.04 -11.90
N PHE A 41 -15.71 12.77 -10.82
CA PHE A 41 -14.48 13.50 -10.60
C PHE A 41 -13.34 12.98 -11.51
N THR A 42 -13.34 11.68 -11.81
CA THR A 42 -12.30 11.18 -12.72
C THR A 42 -12.56 11.73 -14.15
N GLY A 43 -13.82 11.77 -14.54
CA GLY A 43 -14.23 12.33 -15.82
C GLY A 43 -13.88 13.80 -16.00
N ALA A 44 -14.03 14.59 -14.94
CA ALA A 44 -13.54 15.95 -14.95
C ALA A 44 -12.03 16.02 -15.31
N THR A 45 -11.20 15.17 -14.68
CA THR A 45 -9.76 15.21 -14.97
C THR A 45 -9.46 14.76 -16.40
N ASP A 46 -10.21 13.77 -16.87
CA ASP A 46 -10.12 13.22 -18.23
C ASP A 46 -10.37 14.33 -19.24
N LEU A 47 -11.53 14.97 -19.13
CA LEU A 47 -11.83 16.14 -19.96
C LEU A 47 -10.79 17.26 -19.86
N ALA A 48 -10.41 17.68 -18.66
CA ALA A 48 -9.44 18.73 -18.51
C ALA A 48 -8.12 18.33 -19.17
N ASN A 49 -7.74 17.07 -19.05
CA ASN A 49 -6.51 16.59 -19.71
C ASN A 49 -6.56 16.82 -21.23
N THR A 50 -7.67 16.42 -21.84
CA THR A 50 -7.86 16.62 -23.26
C THR A 50 -7.85 18.08 -23.65
N LEU A 51 -8.48 18.94 -22.85
CA LEU A 51 -8.45 20.36 -23.14
C LEU A 51 -7.04 20.96 -23.02
N VAL A 52 -6.31 20.61 -21.96
CA VAL A 52 -4.96 21.12 -21.78
C VAL A 52 -4.06 20.66 -22.91
N ARG A 53 -4.18 19.39 -23.28
CA ARG A 53 -3.33 18.82 -24.32
C ARG A 53 -3.61 19.41 -25.69
N ASN A 54 -4.78 20.02 -25.84
CA ASN A 54 -5.15 20.65 -27.11
C ASN A 54 -5.17 22.16 -27.05
N GLY A 55 -4.53 22.72 -26.02
CA GLY A 55 -4.15 24.11 -26.02
C GLY A 55 -5.04 25.06 -25.24
N MSE A 56 -5.86 24.55 -24.31
CA MSE A 56 -6.64 25.46 -23.46
C MSE A 56 -6.22 25.36 -22.00
O MSE A 56 -6.23 24.28 -21.43
CB MSE A 56 -8.14 25.18 -23.57
CG MSE A 56 -8.79 25.66 -24.85
SE MSE A 56 -10.75 25.33 -24.82
CE MSE A 56 -11.34 27.14 -24.35
H MSE A 56 -5.97 23.71 -24.14
HA MSE A 56 -6.50 26.38 -23.77
HB2 MSE A 56 -8.29 24.22 -23.51
HB3 MSE A 56 -8.60 25.62 -22.84
HG2 MSE A 56 -8.63 26.61 -24.95
HG3 MSE A 56 -8.41 25.17 -25.61
HE1 MSE A 56 -12.30 27.15 -24.30
HE2 MSE A 56 -10.97 27.38 -23.51
HE3 MSE A 56 -11.04 27.75 -25.04
N ARG A 57 -5.76 26.47 -21.43
CA ARG A 57 -5.45 26.48 -20.00
C ARG A 57 -6.75 26.15 -19.27
N THR A 58 -6.69 25.17 -18.38
CA THR A 58 -7.90 24.66 -17.74
C THR A 58 -7.74 24.59 -16.25
N VAL A 59 -8.79 24.99 -15.53
CA VAL A 59 -8.85 24.79 -14.08
C VAL A 59 -10.06 23.90 -13.74
N GLN A 60 -9.82 22.88 -12.93
CA GLN A 60 -10.89 22.02 -12.45
C GLN A 60 -11.28 22.45 -11.05
N THR A 61 -12.56 22.69 -10.83
CA THR A 61 -13.06 23.03 -9.51
C THR A 61 -13.85 21.86 -8.96
N ILE A 62 -13.80 21.70 -7.65
CA ILE A 62 -14.57 20.66 -6.99
C ILE A 62 -15.85 21.35 -6.57
N GLY A 63 -16.93 21.08 -7.31
CA GLY A 63 -18.14 21.87 -7.15
C GLY A 63 -17.85 23.32 -7.42
N LEU A 64 -18.64 24.18 -6.81
CA LEU A 64 -18.52 25.60 -7.01
C LEU A 64 -17.72 26.26 -5.90
N PRO A 65 -16.65 26.99 -6.27
CA PRO A 65 -15.78 27.58 -5.26
C PRO A 65 -16.40 28.86 -4.71
N ASP A 66 -16.21 29.11 -3.43
CA ASP A 66 -16.50 30.41 -2.87
C ASP A 66 -15.58 31.41 -3.57
N VAL A 67 -16.01 32.66 -3.67
CA VAL A 67 -15.14 33.72 -4.16
C VAL A 67 -14.27 34.10 -2.96
N GLY A 68 -12.97 34.30 -3.13
CA GLY A 68 -12.21 33.96 -4.32
C GLY A 68 -11.24 32.88 -3.85
N ALA A 69 -11.82 31.78 -3.41
CA ALA A 69 -11.10 30.67 -2.81
C ALA A 69 -10.19 29.95 -3.81
N VAL A 70 -10.43 30.15 -5.08
CA VAL A 70 -9.59 29.57 -6.13
C VAL A 70 -8.96 30.72 -6.91
N GLN A 71 -7.65 30.63 -7.11
CA GLN A 71 -6.81 31.80 -7.28
C GLN A 71 -6.86 32.43 -8.68
N ASP A 72 -6.00 31.97 -9.58
CA ASP A 72 -5.95 32.57 -10.92
C ASP A 72 -6.94 31.87 -11.85
N ILE A 73 -8.22 32.01 -11.51
CA ILE A 73 -9.29 31.29 -12.17
C ILE A 73 -9.90 32.07 -13.33
N GLY A 74 -9.90 33.40 -13.22
CA GLY A 74 -10.39 34.24 -14.30
C GLY A 74 -9.38 34.30 -15.45
N GLU A 75 -8.25 33.62 -15.28
CA GLU A 75 -7.20 33.55 -16.30
C GLU A 75 -7.25 32.25 -17.12
N ALA A 76 -8.13 31.34 -16.74
CA ALA A 76 -8.29 30.08 -17.46
C ALA A 76 -9.00 30.29 -18.81
N ASP A 77 -8.70 29.44 -19.78
CA ASP A 77 -9.48 29.39 -21.03
C ASP A 77 -10.70 28.49 -20.86
N ALA A 78 -10.57 27.46 -20.03
CA ALA A 78 -11.65 26.51 -19.82
C ALA A 78 -11.78 26.23 -18.35
N LEU A 79 -13.01 26.01 -17.90
CA LEU A 79 -13.29 25.68 -16.51
C LEU A 79 -14.06 24.39 -16.51
N VAL A 80 -13.65 23.44 -15.66
CA VAL A 80 -14.32 22.15 -15.53
C VAL A 80 -14.83 21.97 -14.10
N VAL A 81 -16.14 21.99 -13.94
CA VAL A 81 -16.77 21.76 -12.65
C VAL A 81 -17.02 20.26 -12.42
N ALA A 82 -16.36 19.69 -11.41
CA ALA A 82 -16.55 18.33 -11.02
C ALA A 82 -17.74 18.16 -10.06
N LEU A 83 -18.71 17.37 -10.48
CA LEU A 83 -19.84 16.97 -9.65
C LEU A 83 -19.79 15.47 -9.35
N LYS A 84 -20.44 15.03 -8.27
CA LYS A 84 -20.60 13.61 -7.97
C LYS A 84 -22.06 13.27 -8.24
N SER A 85 -22.47 13.36 -9.52
CA SER A 85 -23.89 13.44 -9.85
C SER A 85 -24.32 12.32 -10.81
N ARG A 86 -23.43 11.38 -11.08
CA ARG A 86 -23.73 10.31 -12.01
C ARG A 86 -24.86 9.37 -11.56
N THR A 87 -25.00 9.12 -10.26
CA THR A 87 -25.96 8.13 -9.81
C THR A 87 -26.92 8.64 -8.71
N ILE A 88 -26.85 9.92 -8.37
CA ILE A 88 -27.79 10.53 -7.44
C ILE A 88 -29.16 10.66 -8.14
N PRO A 89 -30.24 10.92 -7.40
CA PRO A 89 -31.53 11.17 -8.04
C PRO A 89 -31.48 12.25 -9.12
N ALA A 90 -32.27 12.06 -10.15
CA ALA A 90 -32.23 12.96 -11.32
C ALA A 90 -32.51 14.43 -10.93
N VAL A 91 -33.46 14.64 -10.03
CA VAL A 91 -33.80 16.00 -9.60
C VAL A 91 -32.59 16.70 -8.98
N GLU A 92 -31.78 15.96 -8.26
CA GLU A 92 -30.60 16.51 -7.61
C GLU A 92 -29.46 16.75 -8.61
N ALA A 93 -29.29 15.82 -9.55
CA ALA A 93 -28.33 15.97 -10.61
C ALA A 93 -28.65 17.21 -11.45
N VAL A 94 -29.92 17.38 -11.77
CA VAL A 94 -30.34 18.56 -12.54
C VAL A 94 -30.06 19.82 -11.73
N ALA A 95 -30.41 19.81 -10.45
CA ALA A 95 -30.26 21.02 -9.65
C ALA A 95 -28.78 21.41 -9.54
N GLN A 96 -27.92 20.43 -9.23
CA GLN A 96 -26.50 20.69 -9.20
C GLN A 96 -25.94 21.15 -10.53
N SER A 97 -26.44 20.58 -11.63
CA SER A 97 -25.95 20.91 -12.95
C SER A 97 -26.39 22.31 -13.36
N LEU A 98 -27.63 22.67 -13.03
CA LEU A 98 -28.09 24.04 -13.31
C LEU A 98 -27.35 25.11 -12.52
N ALA A 99 -27.00 24.80 -11.27
CA ALA A 99 -26.23 25.73 -10.46
C ALA A 99 -24.84 25.93 -11.05
N ALA A 100 -24.19 24.83 -11.42
CA ALA A 100 -22.90 24.90 -12.11
C ALA A 100 -22.95 25.70 -13.42
N LEU A 101 -24.03 25.52 -14.17
CA LEU A 101 -24.17 26.22 -15.45
C LEU A 101 -24.20 27.73 -15.23
N GLN A 102 -25.00 28.15 -14.27
CA GLN A 102 -25.12 29.57 -13.99
C GLN A 102 -23.77 30.12 -13.54
N TRP A 103 -23.06 29.38 -12.68
CA TRP A 103 -21.75 29.84 -12.23
C TRP A 103 -20.80 30.04 -13.42
N LEU A 104 -20.82 29.08 -14.33
CA LEU A 104 -19.97 29.12 -15.52
C LEU A 104 -20.32 30.30 -16.41
N ARG A 105 -21.62 30.55 -16.60
CA ARG A 105 -22.06 31.67 -17.43
C ARG A 105 -21.57 32.98 -16.83
N ALA A 106 -21.70 33.09 -15.51
CA ALA A 106 -21.29 34.28 -14.78
C ALA A 106 -19.79 34.54 -14.84
N GLN A 107 -18.98 33.49 -15.04
CA GLN A 107 -17.56 33.66 -15.28
C GLN A 107 -17.27 34.10 -16.72
N GLY A 108 -18.28 34.05 -17.59
CA GLY A 108 -18.11 34.57 -18.95
C GLY A 108 -18.05 33.53 -20.06
N CYS A 109 -18.25 32.26 -19.71
CA CYS A 109 -18.14 31.19 -20.71
C CYS A 109 -19.17 31.35 -21.83
N ARG A 110 -18.77 30.95 -23.04
CA ARG A 110 -19.54 31.12 -24.28
C ARG A 110 -20.17 29.83 -24.79
N GLN A 111 -19.55 28.72 -24.45
CA GLN A 111 -20.01 27.40 -24.88
C GLN A 111 -19.83 26.46 -23.71
N PHE A 112 -20.64 25.42 -23.66
CA PHE A 112 -20.69 24.54 -22.51
C PHE A 112 -20.60 23.10 -22.93
N VAL A 113 -19.92 22.32 -22.11
CA VAL A 113 -19.84 20.87 -22.30
C VAL A 113 -20.39 20.15 -21.08
N PHE A 114 -21.29 19.20 -21.34
CA PHE A 114 -21.76 18.25 -20.32
C PHE A 114 -21.02 16.96 -20.55
N LYS A 115 -20.22 16.62 -19.55
CA LYS A 115 -19.31 15.49 -19.63
C LYS A 115 -19.79 14.32 -18.75
N TYR A 116 -19.98 13.19 -19.39
CA TYR A 116 -20.37 11.96 -18.74
C TYR A 116 -19.44 10.81 -19.24
N CYS A 117 -19.72 9.60 -18.81
CA CYS A 117 -18.78 8.53 -19.07
C CYS A 117 -18.81 8.08 -20.53
N SER A 118 -17.66 7.68 -21.04
CA SER A 118 -17.56 7.13 -22.39
C SER A 118 -18.29 5.81 -22.53
N THR A 119 -18.71 5.20 -21.41
CA THR A 119 -19.55 4.01 -21.48
C THR A 119 -21.03 4.31 -21.15
N PHE A 120 -21.36 5.59 -21.08
CA PHE A 120 -22.72 6.12 -21.06
C PHE A 120 -23.42 5.78 -19.75
N ASP A 121 -22.62 5.62 -18.69
CA ASP A 121 -23.07 5.15 -17.40
C ASP A 121 -24.31 5.90 -16.90
N SER A 122 -25.41 5.17 -16.80
CA SER A 122 -26.71 5.75 -16.45
C SER A 122 -27.68 4.61 -16.24
N THR A 123 -28.90 4.97 -15.88
CA THR A 123 -30.04 4.05 -15.84
C THR A 123 -31.20 4.75 -16.57
N ASP A 124 -32.31 4.03 -16.77
CA ASP A 124 -33.50 4.62 -17.39
C ASP A 124 -34.03 5.83 -16.60
N ALA A 125 -33.63 5.94 -15.34
CA ALA A 125 -34.04 7.07 -14.49
C ALA A 125 -33.12 8.28 -14.67
N GLY A 126 -31.98 8.11 -15.31
CA GLY A 126 -31.06 9.22 -15.53
C GLY A 126 -29.62 8.83 -15.29
N ASN A 127 -28.69 9.78 -15.39
CA ASN A 127 -28.97 11.21 -15.37
C ASN A 127 -28.55 11.95 -16.64
N ILE A 128 -28.09 11.23 -17.67
CA ILE A 128 -27.62 11.88 -18.89
C ILE A 128 -28.75 12.65 -19.58
N GLY A 129 -29.88 11.97 -19.77
CA GLY A 129 -31.04 12.61 -20.38
C GLY A 129 -31.58 13.80 -19.58
N PRO A 130 -31.87 13.60 -18.29
CA PRO A 130 -32.46 14.72 -17.53
C PRO A 130 -31.54 15.93 -17.46
N VAL A 131 -30.26 15.70 -17.28
CA VAL A 131 -29.31 16.82 -17.18
C VAL A 131 -29.12 17.54 -18.53
N ALA A 132 -28.90 16.80 -19.60
CA ALA A 132 -28.74 17.42 -20.91
C ALA A 132 -29.97 18.23 -21.25
N GLU A 133 -31.15 17.66 -21.04
CA GLU A 133 -32.36 18.38 -21.43
C GLU A 133 -32.56 19.63 -20.59
N ALA A 134 -32.19 19.56 -19.31
CA ALA A 134 -32.34 20.71 -18.43
C ALA A 134 -31.38 21.82 -18.85
N LEU A 135 -30.18 21.43 -19.23
CA LEU A 135 -29.18 22.40 -19.63
C LEU A 135 -29.58 23.09 -20.93
N LEU A 136 -30.10 22.31 -21.90
CA LEU A 136 -30.62 22.89 -23.13
C LEU A 136 -31.72 23.92 -22.85
N ALA A 137 -32.67 23.56 -22.00
CA ALA A 137 -33.76 24.47 -21.66
C ALA A 137 -33.21 25.73 -21.05
N ALA A 138 -32.27 25.60 -20.11
CA ALA A 138 -31.73 26.78 -19.44
C ALA A 138 -30.90 27.64 -20.38
N LEU A 139 -30.31 27.02 -21.40
CA LEU A 139 -29.60 27.75 -22.45
C LEU A 139 -30.53 28.24 -23.59
N ASP A 140 -31.80 27.85 -23.54
CA ASP A 140 -32.77 28.13 -24.62
C ASP A 140 -32.26 27.63 -25.98
N SER A 141 -31.73 26.42 -25.99
CA SER A 141 -31.23 25.76 -27.19
C SER A 141 -32.08 24.54 -27.48
N ASP A 142 -32.32 24.26 -28.77
CA ASP A 142 -33.21 23.19 -29.14
C ASP A 142 -32.51 21.91 -29.59
N PHE A 143 -31.19 21.86 -29.44
CA PHE A 143 -30.44 20.69 -29.92
C PHE A 143 -29.04 20.54 -29.33
N THR A 144 -28.67 19.31 -29.03
CA THR A 144 -27.26 19.01 -28.78
C THR A 144 -26.94 17.63 -29.28
N ILE A 145 -25.66 17.30 -29.32
CA ILE A 145 -25.23 15.95 -29.61
C ILE A 145 -24.84 15.25 -28.31
N ALA A 146 -24.83 13.93 -28.39
CA ALA A 146 -24.43 13.07 -27.29
C ALA A 146 -23.42 12.07 -27.89
N CYS A 147 -22.15 12.26 -27.56
CA CYS A 147 -21.09 11.46 -28.17
C CYS A 147 -20.08 11.01 -27.15
N PRO A 148 -20.30 9.82 -26.58
CA PRO A 148 -19.30 9.27 -25.65
C PRO A 148 -18.07 8.62 -26.29
N ALA A 149 -17.90 8.71 -27.62
CA ALA A 149 -16.78 8.01 -28.26
C ALA A 149 -15.40 8.49 -27.75
N PHE A 150 -14.45 7.55 -27.72
CA PHE A 150 -13.13 7.81 -27.17
C PHE A 150 -12.18 6.75 -27.75
N PRO A 151 -11.82 6.90 -29.03
CA PRO A 151 -11.02 5.87 -29.69
C PRO A 151 -9.73 5.50 -28.98
N GLU A 152 -9.06 6.49 -28.38
CA GLU A 152 -7.82 6.27 -27.67
C GLU A 152 -7.99 5.25 -26.53
N ASN A 153 -9.22 5.15 -26.03
CA ASN A 153 -9.57 4.21 -24.97
C ASN A 153 -10.52 3.15 -25.50
N GLY A 154 -10.54 2.98 -26.82
CA GLY A 154 -11.30 1.92 -27.44
C GLY A 154 -12.81 2.05 -27.55
N ARG A 155 -13.36 3.26 -27.42
CA ARG A 155 -14.81 3.45 -27.56
C ARG A 155 -15.13 4.06 -28.92
N THR A 156 -15.90 3.34 -29.72
CA THR A 156 -16.46 3.87 -30.96
C THR A 156 -17.98 3.68 -31.05
N ILE A 157 -18.62 4.47 -31.91
CA ILE A 157 -20.07 4.49 -32.08
C ILE A 157 -20.43 4.41 -33.58
N PHE A 158 -21.24 3.43 -33.91
CA PHE A 158 -21.66 3.12 -35.29
C PHE A 158 -23.15 2.84 -35.29
N ARG A 159 -23.90 3.57 -36.11
CA ARG A 159 -25.37 3.48 -36.14
C ARG A 159 -25.95 3.55 -34.73
N GLY A 160 -25.33 4.40 -33.93
CA GLY A 160 -25.78 4.72 -32.59
C GLY A 160 -25.42 3.69 -31.54
N HIS A 161 -24.75 2.61 -31.96
CA HIS A 161 -24.41 1.51 -31.08
C HIS A 161 -22.96 1.70 -30.57
N LEU A 162 -22.79 1.56 -29.27
CA LEU A 162 -21.49 1.76 -28.65
C LEU A 162 -20.66 0.46 -28.56
N PHE A 163 -19.44 0.54 -29.07
CA PHE A 163 -18.45 -0.55 -29.04
C PHE A 163 -17.27 -0.20 -28.13
N VAL A 164 -16.85 -1.22 -27.39
CA VAL A 164 -15.62 -1.22 -26.62
C VAL A 164 -14.71 -2.25 -27.26
N GLY A 165 -13.63 -1.78 -27.88
CA GLY A 165 -12.88 -2.60 -28.81
C GLY A 165 -13.82 -3.16 -29.85
N ASP A 166 -13.78 -4.46 -30.14
CA ASP A 166 -14.74 -5.09 -31.03
C ASP A 166 -15.98 -5.66 -30.36
N ALA A 167 -16.19 -5.36 -29.09
CA ALA A 167 -17.39 -5.83 -28.40
C ALA A 167 -18.40 -4.72 -28.24
N LEU A 168 -19.66 -5.07 -28.38
CA LEU A 168 -20.77 -4.20 -28.01
C LEU A 168 -20.68 -3.91 -26.51
N LEU A 169 -21.18 -2.76 -26.13
CA LEU A 169 -21.15 -2.29 -24.74
C LEU A 169 -21.62 -3.35 -23.77
N ASN A 170 -22.69 -4.04 -24.14
CA ASN A 170 -23.35 -4.98 -23.24
C ASN A 170 -22.72 -6.37 -23.24
N GLU A 171 -21.63 -6.51 -23.97
CA GLU A 171 -20.78 -7.70 -23.96
C GLU A 171 -19.32 -7.32 -23.60
N SER A 172 -19.12 -6.14 -23.01
CA SER A 172 -17.79 -5.57 -22.76
C SER A 172 -17.32 -5.70 -21.30
N GLY A 173 -18.21 -6.15 -20.44
CA GLY A 173 -18.00 -6.08 -18.99
C GLY A 173 -18.90 -5.04 -18.33
N MSE A 174 -19.36 -4.02 -19.07
CA MSE A 174 -20.24 -2.99 -18.49
C MSE A 174 -21.61 -3.53 -18.12
O MSE A 174 -22.32 -2.96 -17.31
CB MSE A 174 -20.37 -1.77 -19.43
CG MSE A 174 -19.16 -0.87 -19.39
SE MSE A 174 -18.77 -0.18 -17.57
CE MSE A 174 -20.38 0.84 -17.30
H MSE A 174 -19.19 -3.92 -19.90
HA MSE A 174 -19.80 -2.67 -17.67
HB2 MSE A 174 -20.49 -2.09 -20.34
HB3 MSE A 174 -21.14 -1.26 -19.15
HG2 MSE A 174 -18.39 -1.36 -19.69
HG3 MSE A 174 -19.33 -0.11 -19.97
HE1 MSE A 174 -20.35 1.24 -16.44
HE2 MSE A 174 -20.44 1.50 -17.99
HE3 MSE A 174 -21.14 0.25 -17.36
N GLU A 175 -21.96 -4.68 -18.69
CA GLU A 175 -23.21 -5.31 -18.31
C GLU A 175 -23.15 -5.77 -16.87
N HIS A 176 -21.94 -5.79 -16.28
CA HIS A 176 -21.76 -6.15 -14.88
C HIS A 176 -21.33 -4.99 -13.98
N HIS A 177 -21.46 -3.75 -14.44
CA HIS A 177 -21.13 -2.62 -13.55
C HIS A 177 -21.98 -2.68 -12.27
N PRO A 178 -21.38 -2.44 -11.09
CA PRO A 178 -22.15 -2.61 -9.84
C PRO A 178 -23.37 -1.70 -9.68
N LEU A 179 -23.26 -0.48 -10.20
CA LEU A 179 -24.28 0.55 -10.06
C LEU A 179 -25.15 0.82 -11.28
N THR A 180 -24.53 0.87 -12.46
CA THR A 180 -25.23 1.14 -13.71
C THR A 180 -24.87 0.06 -14.74
N PRO A 181 -25.40 -1.16 -14.54
CA PRO A 181 -25.15 -2.21 -15.53
C PRO A 181 -25.76 -1.77 -16.87
N MSE A 182 -24.96 -1.85 -17.93
CA MSE A 182 -25.38 -1.45 -19.27
C MSE A 182 -25.66 -2.68 -20.09
O MSE A 182 -24.75 -3.38 -20.52
CB MSE A 182 -24.27 -0.59 -19.90
CG MSE A 182 -23.79 0.50 -18.99
SE MSE A 182 -25.23 1.76 -18.47
CE MSE A 182 -25.50 2.50 -20.23
H MSE A 182 -24.15 -2.16 -17.90
HA MSE A 182 -26.18 -0.90 -19.20
HB2 MSE A 182 -23.52 -1.16 -20.12
HB3 MSE A 182 -24.62 -0.18 -20.71
HG2 MSE A 182 -23.43 0.09 -18.18
HG3 MSE A 182 -23.09 1.00 -19.44
HE1 MSE A 182 -26.18 3.16 -20.19
HE2 MSE A 182 -24.68 2.90 -20.53
HE3 MSE A 182 -25.75 1.79 -20.83
N THR A 183 -26.95 -2.97 -20.27
CA THR A 183 -27.35 -4.18 -20.96
C THR A 183 -27.80 -3.96 -22.42
N ASP A 184 -27.69 -2.72 -22.89
CA ASP A 184 -28.18 -2.32 -24.22
C ASP A 184 -27.14 -1.41 -24.89
N ALA A 185 -26.63 -1.80 -26.05
CA ALA A 185 -25.60 -1.02 -26.73
C ALA A 185 -26.16 0.03 -27.64
N SER A 186 -27.47 0.00 -27.83
CA SER A 186 -28.14 1.01 -28.67
C SER A 186 -28.36 2.33 -27.90
N LEU A 187 -27.46 3.28 -28.09
CA LEU A 187 -27.48 4.50 -27.33
C LEU A 187 -28.71 5.36 -27.64
N VAL A 188 -29.27 5.23 -28.84
CA VAL A 188 -30.48 6.00 -29.18
C VAL A 188 -31.63 5.53 -28.30
N ARG A 189 -31.76 4.21 -28.19
CA ARG A 189 -32.81 3.61 -27.35
C ARG A 189 -32.55 3.89 -25.85
N VAL A 190 -31.31 3.72 -25.42
CA VAL A 190 -30.94 3.97 -24.02
C VAL A 190 -31.22 5.42 -23.64
N LEU A 191 -30.77 6.38 -24.44
CA LEU A 191 -30.94 7.77 -24.13
C LEU A 191 -32.43 8.16 -24.19
N GLN A 192 -33.14 7.65 -25.18
CA GLN A 192 -34.57 7.96 -25.32
C GLN A 192 -35.32 7.57 -24.05
N ARG A 193 -34.90 6.48 -23.41
CA ARG A 193 -35.64 6.00 -22.23
C ARG A 193 -35.55 6.92 -21.04
N GLN A 194 -34.51 7.73 -21.01
CA GLN A 194 -34.30 8.66 -19.92
C GLN A 194 -34.50 10.11 -20.37
N SER A 195 -35.16 10.29 -21.51
CA SER A 195 -35.38 11.62 -22.10
C SER A 195 -36.86 11.85 -22.42
N LYS A 196 -37.34 13.05 -22.13
CA LYS A 196 -38.73 13.43 -22.41
C LYS A 196 -38.98 13.78 -23.89
N ASN A 197 -37.96 14.33 -24.51
CA ASN A 197 -38.03 14.85 -25.86
C ASN A 197 -37.33 13.92 -26.88
N LYS A 198 -37.50 14.21 -28.16
CA LYS A 198 -37.07 13.29 -29.20
C LYS A 198 -35.55 13.11 -29.34
N VAL A 199 -35.09 11.86 -29.25
CA VAL A 199 -33.68 11.51 -29.44
C VAL A 199 -33.48 10.92 -30.83
N GLY A 200 -32.48 11.39 -31.55
CA GLY A 200 -32.20 10.88 -32.88
C GLY A 200 -30.74 10.46 -33.05
N LEU A 201 -30.30 10.42 -34.30
CA LEU A 201 -28.98 9.92 -34.66
C LEU A 201 -28.34 10.78 -35.72
N LEU A 202 -27.11 11.20 -35.44
CA LEU A 202 -26.25 11.82 -36.44
C LEU A 202 -25.30 10.71 -36.92
N ARG A 203 -25.62 10.09 -38.05
CA ARG A 203 -25.03 8.81 -38.44
C ARG A 203 -23.64 8.96 -39.06
N TYR A 204 -22.85 7.89 -38.98
CA TYR A 204 -21.46 7.89 -39.42
C TYR A 204 -21.25 8.34 -40.86
N ASP A 205 -22.23 8.12 -41.71
CA ASP A 205 -22.08 8.42 -43.13
C ASP A 205 -22.17 9.93 -43.42
N ALA A 206 -22.86 10.68 -42.56
CA ALA A 206 -22.78 12.14 -42.64
C ALA A 206 -21.46 12.63 -42.05
N VAL A 207 -21.09 12.09 -40.88
CA VAL A 207 -19.86 12.51 -40.22
C VAL A 207 -18.66 12.26 -41.12
N ALA A 208 -18.70 11.14 -41.86
CA ALA A 208 -17.59 10.76 -42.72
C ALA A 208 -17.34 11.80 -43.82
N ARG A 209 -18.37 12.58 -44.17
CA ARG A 209 -18.29 13.56 -45.24
C ARG A 209 -17.64 14.90 -44.83
N GLY A 210 -17.30 15.08 -43.57
CA GLY A 210 -16.61 16.27 -43.13
C GLY A 210 -17.50 17.27 -42.40
N ALA A 211 -16.91 18.36 -41.93
CA ALA A 211 -17.60 19.29 -41.04
C ALA A 211 -18.82 19.97 -41.67
N HIS A 212 -18.67 20.43 -42.91
CA HIS A 212 -19.76 21.15 -43.56
C HIS A 212 -20.96 20.22 -43.71
N ALA A 213 -20.72 18.99 -44.17
CA ALA A 213 -21.81 18.03 -44.34
C ALA A 213 -22.45 17.67 -43.00
N THR A 214 -21.63 17.59 -41.97
CA THR A 214 -22.14 17.24 -40.66
C THR A 214 -23.03 18.34 -40.12
N ALA A 215 -22.62 19.59 -40.31
CA ALA A 215 -23.37 20.75 -39.84
C ALA A 215 -24.72 20.81 -40.59
N GLU A 216 -24.69 20.46 -41.87
CA GLU A 216 -25.90 20.43 -42.66
C GLU A 216 -26.88 19.36 -42.13
N ARG A 217 -26.33 18.20 -41.74
CA ARG A 217 -27.15 17.11 -41.23
C ARG A 217 -27.76 17.48 -39.88
N ILE A 218 -26.99 18.21 -39.07
CA ILE A 218 -27.50 18.74 -37.81
C ILE A 218 -28.66 19.69 -38.06
N ALA A 219 -28.54 20.56 -39.04
CA ALA A 219 -29.63 21.46 -39.34
C ALA A 219 -30.86 20.66 -39.75
N ALA A 220 -30.67 19.58 -40.52
CA ALA A 220 -31.81 18.75 -40.93
C ALA A 220 -32.44 18.01 -39.74
N LEU A 221 -31.61 17.51 -38.84
CA LEU A 221 -32.13 16.82 -37.66
C LEU A 221 -32.96 17.75 -36.80
N ARG A 222 -32.47 18.97 -36.61
CA ARG A 222 -33.22 19.98 -35.84
C ARG A 222 -34.57 20.26 -36.46
N SER A 223 -34.59 20.43 -37.79
CA SER A 223 -35.82 20.68 -38.52
C SER A 223 -36.78 19.50 -38.36
N ASP A 224 -36.22 18.28 -38.27
CA ASP A 224 -37.01 17.07 -38.08
C ASP A 224 -37.58 16.96 -36.66
N GLY A 225 -37.14 17.83 -35.74
CA GLY A 225 -37.67 17.80 -34.38
C GLY A 225 -36.81 17.03 -33.38
N VAL A 226 -35.63 16.62 -33.81
CA VAL A 226 -34.70 15.94 -32.92
C VAL A 226 -34.12 16.97 -31.95
N ARG A 227 -34.24 16.71 -30.66
CA ARG A 227 -33.66 17.64 -29.69
C ARG A 227 -32.31 17.20 -29.14
N MSE A 228 -32.01 15.92 -29.27
CA MSE A 228 -30.69 15.41 -28.93
C MSE A 228 -30.36 14.23 -29.85
O MSE A 228 -31.17 13.33 -30.03
CB MSE A 228 -30.64 14.95 -27.46
CG MSE A 228 -29.33 14.39 -27.03
SE MSE A 228 -29.12 14.71 -25.06
CE MSE A 228 -30.91 14.53 -24.52
H MSE A 228 -32.56 15.32 -29.53
HA MSE A 228 -30.03 16.11 -29.06
HB2 MSE A 228 -30.83 15.72 -26.89
HB3 MSE A 228 -31.32 14.27 -27.32
HG2 MSE A 228 -29.32 13.44 -27.20
HG3 MSE A 228 -28.62 14.84 -27.50
HE1 MSE A 228 -30.97 14.66 -23.57
HE2 MSE A 228 -31.44 15.20 -24.97
HE3 MSE A 228 -31.23 13.65 -24.74
N ALA A 229 -29.18 14.26 -30.45
CA ALA A 229 -28.76 13.20 -31.35
C ALA A 229 -27.52 12.50 -30.84
N ILE A 230 -27.59 11.17 -30.73
CA ILE A 230 -26.40 10.36 -30.57
C ILE A 230 -25.54 10.64 -31.80
N ALA A 231 -24.25 10.94 -31.63
CA ALA A 231 -23.37 11.14 -32.78
C ALA A 231 -22.40 9.98 -32.94
N ASP A 232 -22.44 9.36 -34.12
CA ASP A 232 -21.48 8.33 -34.48
C ASP A 232 -20.05 8.91 -34.57
N ALA A 233 -19.07 8.08 -34.24
CA ALA A 233 -17.68 8.46 -34.41
C ALA A 233 -16.86 7.19 -34.38
N VAL A 234 -16.21 6.91 -35.50
CA VAL A 234 -15.43 5.67 -35.67
C VAL A 234 -13.93 5.90 -35.60
N SER A 235 -13.54 7.14 -35.34
CA SER A 235 -12.14 7.55 -35.34
C SER A 235 -11.99 8.90 -34.69
N ASP A 236 -10.76 9.26 -34.33
CA ASP A 236 -10.47 10.60 -33.84
C ASP A 236 -10.81 11.63 -34.93
N ALA A 237 -10.59 11.28 -36.18
CA ALA A 237 -10.96 12.19 -37.27
C ALA A 237 -12.45 12.56 -37.18
N ASP A 238 -13.31 11.60 -36.89
CA ASP A 238 -14.73 11.89 -36.76
C ASP A 238 -14.97 12.83 -35.60
N LEU A 239 -14.21 12.67 -34.50
CA LEU A 239 -14.38 13.54 -33.34
C LEU A 239 -14.02 14.99 -33.67
N PHE A 240 -12.96 15.19 -34.45
CA PHE A 240 -12.58 16.53 -34.84
C PHE A 240 -13.63 17.12 -35.77
N THR A 241 -14.17 16.29 -36.66
CA THR A 241 -15.25 16.72 -37.57
C THR A 241 -16.48 17.19 -36.77
N LEU A 242 -16.87 16.43 -35.77
CA LEU A 242 -18.03 16.76 -34.95
C LEU A 242 -17.79 18.07 -34.19
N GLY A 243 -16.61 18.21 -33.57
CA GLY A 243 -16.24 19.43 -32.87
C GLY A 243 -16.37 20.68 -33.74
N GLU A 244 -15.79 20.62 -34.94
CA GLU A 244 -15.91 21.71 -35.89
C GLU A 244 -17.36 21.94 -36.30
N ALA A 245 -18.11 20.89 -36.61
CA ALA A 245 -19.52 21.05 -37.01
C ALA A 245 -20.38 21.69 -35.92
N CYS A 246 -19.99 21.45 -34.67
CA CYS A 246 -20.71 21.98 -33.52
C CYS A 246 -20.16 23.29 -32.95
N ALA A 247 -19.34 23.99 -33.72
CA ALA A 247 -18.76 25.25 -33.27
C ALA A 247 -19.83 26.23 -32.82
N ASN A 248 -21.02 26.12 -33.42
CA ASN A 248 -22.12 27.07 -33.20
C ASN A 248 -23.15 26.61 -32.16
N LEU A 249 -22.94 25.46 -31.53
CA LEU A 249 -23.86 24.99 -30.50
C LEU A 249 -23.47 25.52 -29.12
N PRO A 250 -24.45 26.08 -28.38
CA PRO A 250 -24.26 26.47 -26.98
C PRO A 250 -23.82 25.30 -26.08
N LEU A 251 -24.33 24.11 -26.36
CA LEU A 251 -24.08 22.91 -25.53
C LEU A 251 -23.65 21.71 -26.39
N ILE A 252 -22.58 21.06 -25.96
CA ILE A 252 -22.11 19.82 -26.54
C ILE A 252 -22.00 18.82 -25.37
N THR A 253 -22.41 17.56 -25.59
CA THR A 253 -22.35 16.52 -24.57
C THR A 253 -21.66 15.24 -25.04
N GLY A 254 -20.99 14.59 -24.11
CA GLY A 254 -20.26 13.39 -24.42
C GLY A 254 -19.17 13.08 -23.41
N GLY A 255 -18.23 12.25 -23.86
CA GLY A 255 -17.04 11.97 -23.08
C GLY A 255 -15.97 13.01 -23.38
N SER A 256 -14.71 12.66 -23.10
CA SER A 256 -13.65 13.62 -23.31
C SER A 256 -13.30 13.75 -24.78
N GLY A 257 -13.54 12.71 -25.57
CA GLY A 257 -13.17 12.74 -26.98
C GLY A 257 -13.86 13.84 -27.75
N ILE A 258 -15.12 14.10 -27.42
CA ILE A 258 -15.87 15.10 -28.18
C ILE A 258 -15.27 16.51 -28.00
N ALA A 259 -14.44 16.69 -26.97
CA ALA A 259 -13.79 17.98 -26.72
C ALA A 259 -12.53 18.20 -27.53
N LEU A 260 -12.02 17.13 -28.15
CA LEU A 260 -10.74 17.19 -28.87
C LEU A 260 -10.61 18.43 -29.76
N GLY A 261 -11.65 18.71 -30.53
CA GLY A 261 -11.61 19.77 -31.53
C GLY A 261 -12.11 21.13 -31.07
N LEU A 262 -12.50 21.27 -29.81
CA LEU A 262 -13.14 22.53 -29.39
C LEU A 262 -12.12 23.66 -29.28
N PRO A 263 -10.92 23.38 -28.76
CA PRO A 263 -9.92 24.47 -28.74
C PRO A 263 -9.61 25.01 -30.12
N GLU A 264 -9.54 24.15 -31.11
CA GLU A 264 -9.26 24.63 -32.46
C GLU A 264 -10.37 25.56 -32.96
N ASN A 265 -11.63 25.28 -32.65
CA ASN A 265 -12.69 26.23 -32.98
C ASN A 265 -12.40 27.64 -32.47
N PHE A 266 -11.98 27.74 -31.20
CA PHE A 266 -11.76 29.07 -30.63
C PHE A 266 -10.53 29.74 -31.25
N ARG A 267 -9.51 28.95 -31.56
CA ARG A 267 -8.34 29.47 -32.23
C ARG A 267 -8.71 30.04 -33.60
N ARG A 268 -9.47 29.27 -34.35
CA ARG A 268 -9.91 29.70 -35.68
C ARG A 268 -10.73 30.98 -35.63
N ALA A 269 -11.51 31.13 -34.56
CA ALA A 269 -12.38 32.27 -34.39
C ALA A 269 -11.64 33.49 -33.86
N GLY A 270 -10.35 33.34 -33.60
CA GLY A 270 -9.52 34.45 -33.15
C GLY A 270 -9.71 34.73 -31.67
N LEU A 271 -10.36 33.80 -30.98
CA LEU A 271 -10.74 34.01 -29.57
C LEU A 271 -9.72 33.46 -28.60
N LEU A 272 -8.91 32.50 -29.04
CA LEU A 272 -7.94 31.85 -28.19
C LEU A 272 -6.58 31.84 -28.88
N PRO A 273 -5.56 32.40 -28.25
CA PRO A 273 -4.24 32.32 -28.87
C PRO A 273 -3.75 30.89 -28.87
N GLN A 274 -2.73 30.57 -29.65
CA GLN A 274 -2.11 29.25 -29.58
C GLN A 274 -1.20 29.22 -28.35
N ARG A 275 -1.52 28.34 -27.40
CA ARG A 275 -0.79 28.27 -26.12
C ARG A 275 0.52 27.52 -26.26
N SER A 280 2.41 20.11 -17.02
CA SER A 280 3.64 20.33 -16.28
C SER A 280 3.52 19.81 -14.83
N VAL A 281 3.28 20.73 -13.90
CA VAL A 281 3.23 20.46 -12.44
C VAL A 281 4.45 19.75 -11.82
N PRO A 282 4.89 20.27 -10.66
CA PRO A 282 6.03 19.75 -9.91
C PRO A 282 5.70 18.41 -9.25
N ALA A 283 6.73 17.58 -9.11
CA ALA A 283 6.63 16.34 -8.37
C ALA A 283 6.38 16.70 -6.91
N ILE A 284 5.57 15.89 -6.25
CA ILE A 284 5.28 16.07 -4.84
C ILE A 284 5.78 14.84 -4.11
N ASP A 285 6.79 15.02 -3.27
CA ASP A 285 7.34 13.89 -2.55
C ASP A 285 6.64 13.70 -1.21
N GLY A 286 6.60 12.46 -0.75
CA GLY A 286 6.02 12.15 0.53
C GLY A 286 5.22 10.87 0.43
N PRO A 287 4.59 10.49 1.54
CA PRO A 287 3.82 9.25 1.60
C PRO A 287 2.68 9.20 0.59
N GLY A 288 2.45 8.01 0.06
CA GLY A 288 1.43 7.78 -0.91
C GLY A 288 0.52 6.65 -0.46
N VAL A 289 -0.56 6.48 -1.22
CA VAL A 289 -1.55 5.44 -0.99
C VAL A 289 -2.35 5.21 -2.30
N VAL A 290 -2.89 4.00 -2.45
CA VAL A 290 -3.79 3.65 -3.55
C VAL A 290 -5.09 3.19 -2.92
N LEU A 291 -6.19 3.82 -3.32
CA LEU A 291 -7.53 3.56 -2.82
C LEU A 291 -8.41 3.10 -3.96
N ALA A 292 -8.82 1.84 -3.93
CA ALA A 292 -9.52 1.26 -5.08
C ALA A 292 -10.93 0.83 -4.73
N GLY A 293 -11.90 1.54 -5.29
CA GLY A 293 -13.30 1.23 -5.12
C GLY A 293 -14.01 0.80 -6.40
N SER A 294 -13.34 0.90 -7.54
CA SER A 294 -13.84 0.34 -8.79
C SER A 294 -13.86 -1.19 -8.76
N ALA A 295 -14.88 -1.80 -9.36
CA ALA A 295 -14.96 -3.24 -9.53
C ALA A 295 -14.71 -3.69 -10.99
N SER A 296 -14.12 -2.82 -11.78
CA SER A 296 -13.94 -3.08 -13.21
C SER A 296 -12.89 -4.13 -13.43
N ARG A 297 -12.89 -4.70 -14.62
CA ARG A 297 -11.89 -5.64 -15.02
C ARG A 297 -10.51 -5.01 -14.99
N ALA A 298 -10.40 -3.79 -15.47
CA ALA A 298 -9.12 -3.08 -15.45
C ALA A 298 -8.60 -2.91 -14.01
N THR A 299 -9.49 -2.50 -13.10
CA THR A 299 -9.10 -2.31 -11.72
C THR A 299 -8.79 -3.65 -11.05
N ASN A 300 -9.55 -4.71 -11.36
CA ASN A 300 -9.22 -6.05 -10.85
C ASN A 300 -7.81 -6.44 -11.28
N GLY A 301 -7.49 -6.18 -12.55
CA GLY A 301 -6.18 -6.51 -13.06
C GLY A 301 -5.07 -5.68 -12.42
N GLN A 302 -5.38 -4.44 -12.08
CA GLN A 302 -4.40 -3.54 -11.43
C GLN A 302 -4.11 -3.96 -10.00
N VAL A 303 -5.15 -4.40 -9.31
CA VAL A 303 -5.02 -4.94 -7.95
C VAL A 303 -4.21 -6.25 -7.97
N ALA A 304 -4.52 -7.12 -8.94
CA ALA A 304 -3.81 -8.40 -9.02
C ALA A 304 -2.32 -8.19 -9.29
N ARG A 305 -2.00 -7.22 -10.14
CA ARG A 305 -0.61 -6.93 -10.45
C ARG A 305 0.11 -6.46 -9.19
N TRP A 306 -0.50 -5.55 -8.45
CA TRP A 306 0.04 -5.06 -7.19
C TRP A 306 0.37 -6.23 -6.26
N LEU A 307 -0.56 -7.16 -6.13
CA LEU A 307 -0.39 -8.31 -5.26
C LEU A 307 0.68 -9.24 -5.81
N GLU A 308 0.74 -9.37 -7.13
CA GLU A 308 1.73 -10.25 -7.79
C GLU A 308 3.12 -9.82 -7.44
N GLN A 309 3.30 -8.50 -7.35
CA GLN A 309 4.61 -7.91 -7.08
C GLN A 309 4.89 -7.81 -5.58
N GLY A 310 4.03 -8.42 -4.78
CA GLY A 310 4.26 -8.54 -3.36
C GLY A 310 4.09 -7.26 -2.57
N ARG A 311 3.36 -6.30 -3.13
CA ARG A 311 3.20 -5.00 -2.47
C ARG A 311 2.09 -5.05 -1.43
N PRO A 312 2.25 -4.32 -0.32
CA PRO A 312 1.30 -4.40 0.79
C PRO A 312 -0.10 -3.96 0.40
N ALA A 313 -1.10 -4.71 0.86
CA ALA A 313 -2.49 -4.44 0.51
C ALA A 313 -3.45 -4.95 1.60
N LEU A 314 -4.55 -4.24 1.76
CA LEU A 314 -5.60 -4.70 2.64
C LEU A 314 -6.94 -4.61 1.94
N ARG A 315 -7.68 -5.71 1.97
CA ARG A 315 -9.01 -5.75 1.34
C ARG A 315 -10.13 -5.36 2.31
N ILE A 316 -11.06 -4.57 1.81
CA ILE A 316 -12.25 -4.11 2.52
C ILE A 316 -13.43 -5.05 2.22
N ASP A 317 -14.04 -5.60 3.27
CA ASP A 317 -15.22 -6.45 3.13
C ASP A 317 -16.47 -5.63 3.44
N PRO A 318 -17.30 -5.34 2.43
CA PRO A 318 -18.48 -4.52 2.67
C PRO A 318 -19.37 -5.09 3.78
N LEU A 319 -19.37 -6.40 3.94
CA LEU A 319 -20.23 -7.01 4.96
C LEU A 319 -19.73 -6.67 6.36
N ALA A 320 -18.42 -6.53 6.52
CA ALA A 320 -17.82 -6.07 7.78
C ALA A 320 -18.17 -4.61 8.07
N LEU A 321 -18.16 -3.77 7.04
CA LEU A 321 -18.62 -2.38 7.17
C LEU A 321 -20.04 -2.30 7.68
N ALA A 322 -20.94 -3.09 7.08
CA ALA A 322 -22.35 -3.10 7.47
C ALA A 322 -22.54 -3.60 8.90
N ARG A 323 -21.71 -4.54 9.37
CA ARG A 323 -21.76 -5.01 10.76
C ARG A 323 -21.15 -4.00 11.74
N GLY A 324 -20.54 -2.95 11.20
CA GLY A 324 -19.96 -1.89 11.99
C GLY A 324 -18.62 -2.27 12.58
N GLU A 325 -17.93 -3.20 11.95
CA GLU A 325 -16.59 -3.53 12.38
C GLU A 325 -15.65 -2.39 11.97
N ALA A 326 -14.54 -2.25 12.68
CA ALA A 326 -13.68 -1.08 12.55
C ALA A 326 -12.73 -1.20 11.36
N VAL A 327 -13.30 -1.29 10.16
CA VAL A 327 -12.54 -1.57 8.95
C VAL A 327 -11.67 -0.37 8.53
N ALA A 328 -12.24 0.85 8.55
CA ALA A 328 -11.44 2.02 8.21
C ALA A 328 -10.27 2.23 9.17
N ASP A 329 -10.51 2.03 10.47
CA ASP A 329 -9.44 2.12 11.46
C ASP A 329 -8.35 1.09 11.14
N ALA A 330 -8.73 -0.12 10.73
CA ALA A 330 -7.76 -1.17 10.43
C ALA A 330 -6.93 -0.81 9.21
N ALA A 331 -7.58 -0.21 8.21
CA ALA A 331 -6.88 0.22 7.01
C ALA A 331 -5.89 1.33 7.29
N LEU A 332 -6.29 2.30 8.12
CA LEU A 332 -5.41 3.34 8.58
C LEU A 332 -4.19 2.79 9.31
N ALA A 333 -4.43 1.86 10.22
CA ALA A 333 -3.35 1.24 11.00
C ALA A 333 -2.42 0.50 10.05
N PHE A 334 -2.99 -0.13 9.03
CA PHE A 334 -2.20 -0.91 8.08
C PHE A 334 -1.26 0.01 7.31
N ALA A 335 -1.84 1.07 6.74
CA ALA A 335 -1.07 2.09 6.04
C ALA A 335 -0.02 2.71 6.95
N ALA A 336 -0.36 2.99 8.21
CA ALA A 336 0.57 3.67 9.11
C ALA A 336 1.78 2.81 9.47
N GLY A 337 1.64 1.49 9.39
CA GLY A 337 2.72 0.59 9.73
C GLY A 337 3.67 0.32 8.57
N HIS A 338 3.35 0.85 7.40
CA HIS A 338 4.19 0.61 6.22
C HIS A 338 4.91 1.86 5.71
N GLY A 339 6.21 1.71 5.47
CA GLY A 339 7.02 2.80 4.97
C GLY A 339 6.86 3.05 3.47
N GLU A 340 6.16 2.17 2.79
CA GLU A 340 5.88 2.35 1.37
C GLU A 340 4.38 2.45 1.19
N PRO A 341 3.93 2.86 0.00
CA PRO A 341 2.48 2.94 -0.21
C PRO A 341 1.83 1.58 -0.12
N VAL A 342 0.64 1.58 0.44
CA VAL A 342 -0.22 0.44 0.47
C VAL A 342 -1.43 0.66 -0.43
N LEU A 343 -2.06 -0.46 -0.78
CA LEU A 343 -3.31 -0.52 -1.51
C LEU A 343 -4.43 -0.93 -0.56
N ILE A 344 -5.46 -0.09 -0.45
CA ILE A 344 -6.69 -0.45 0.24
C ILE A 344 -7.75 -0.61 -0.83
N TYR A 345 -8.41 -1.77 -0.86
CA TYR A 345 -9.27 -2.09 -2.01
C TYR A 345 -10.50 -2.87 -1.65
N ALA A 346 -11.60 -2.55 -2.29
CA ALA A 346 -12.82 -3.33 -2.20
C ALA A 346 -13.03 -4.11 -3.49
N THR A 347 -12.25 -3.76 -4.51
CA THR A 347 -12.26 -4.41 -5.83
C THR A 347 -12.47 -5.91 -5.76
N SER A 348 -13.52 -6.39 -6.44
CA SER A 348 -13.99 -7.78 -6.35
C SER A 348 -14.56 -8.24 -7.71
N SER A 349 -14.77 -9.56 -7.85
CA SER A 349 -15.37 -10.09 -9.06
C SER A 349 -16.87 -9.76 -9.11
N PRO A 350 -17.47 -9.85 -10.29
CA PRO A 350 -18.92 -9.57 -10.42
C PRO A 350 -19.78 -10.49 -9.55
N ASP A 351 -19.38 -11.75 -9.44
CA ASP A 351 -20.13 -12.67 -8.59
C ASP A 351 -20.04 -12.24 -7.11
N GLU A 352 -18.87 -11.79 -6.68
CA GLU A 352 -18.70 -11.36 -5.28
C GLU A 352 -19.50 -10.10 -4.99
N VAL A 353 -19.45 -9.16 -5.92
CA VAL A 353 -20.24 -7.94 -5.80
C VAL A 353 -21.73 -8.28 -5.69
N LYS A 354 -22.19 -9.15 -6.59
CA LYS A 354 -23.60 -9.53 -6.59
C LYS A 354 -24.00 -10.14 -5.25
N ALA A 355 -23.10 -10.92 -4.65
CA ALA A 355 -23.41 -11.53 -3.35
C ALA A 355 -23.55 -10.47 -2.25
N VAL A 356 -22.66 -9.50 -2.24
CA VAL A 356 -22.70 -8.43 -1.27
C VAL A 356 -24.01 -7.64 -1.45
N GLN A 357 -24.34 -7.35 -2.69
CA GLN A 357 -25.50 -6.54 -2.99
C GLN A 357 -26.80 -7.23 -2.60
N ALA A 358 -26.90 -8.54 -2.84
CA ALA A 358 -28.09 -9.31 -2.45
C ALA A 358 -28.32 -9.20 -0.94
N GLU A 359 -27.24 -9.10 -0.18
CA GLU A 359 -27.36 -9.04 1.27
C GLU A 359 -27.65 -7.61 1.77
N LEU A 360 -26.99 -6.60 1.17
CA LEU A 360 -27.02 -5.23 1.70
C LEU A 360 -27.86 -4.23 0.89
N GLY A 361 -28.07 -4.52 -0.40
CA GLY A 361 -28.63 -3.57 -1.34
C GLY A 361 -27.53 -2.88 -2.16
N VAL A 362 -27.83 -2.49 -3.40
CA VAL A 362 -26.82 -1.92 -4.28
C VAL A 362 -26.30 -0.58 -3.77
N GLU A 363 -27.22 0.35 -3.50
CA GLU A 363 -26.80 1.67 -3.06
C GLU A 363 -26.10 1.64 -1.69
N ARG A 364 -26.66 0.88 -0.74
CA ARG A 364 -26.08 0.80 0.60
C ARG A 364 -24.65 0.25 0.56
N ALA A 365 -24.44 -0.84 -0.17
CA ALA A 365 -23.09 -1.41 -0.26
C ALA A 365 -22.11 -0.46 -0.90
N GLY A 366 -22.56 0.19 -1.97
CA GLY A 366 -21.69 1.06 -2.72
C GLY A 366 -21.29 2.23 -1.85
N HIS A 367 -22.23 2.80 -1.12
CA HIS A 367 -21.94 3.95 -0.27
C HIS A 367 -21.07 3.58 0.96
N LEU A 368 -21.29 2.40 1.56
CA LEU A 368 -20.41 1.98 2.66
C LEU A 368 -18.95 1.93 2.20
N VAL A 369 -18.72 1.35 1.03
CA VAL A 369 -17.37 1.25 0.52
C VAL A 369 -16.75 2.62 0.21
N GLU A 370 -17.51 3.49 -0.47
CA GLU A 370 -17.07 4.83 -0.76
C GLU A 370 -16.70 5.56 0.52
N GLN A 371 -17.57 5.47 1.52
CA GLN A 371 -17.38 6.18 2.80
C GLN A 371 -16.12 5.71 3.51
N CYS A 372 -15.87 4.40 3.43
CA CYS A 372 -14.71 3.80 4.08
C CYS A 372 -13.41 4.31 3.47
N LEU A 373 -13.36 4.26 2.15
CA LEU A 373 -12.17 4.72 1.44
C LEU A 373 -11.98 6.21 1.65
N ALA A 374 -13.08 6.96 1.71
CA ALA A 374 -12.99 8.40 1.93
C ALA A 374 -12.46 8.69 3.36
N THR A 375 -12.94 7.93 4.34
CA THR A 375 -12.42 8.05 5.72
C THR A 375 -10.92 7.72 5.78
N VAL A 376 -10.51 6.65 5.11
CA VAL A 376 -9.10 6.31 5.07
C VAL A 376 -8.30 7.47 4.45
N ALA A 377 -8.79 8.02 3.34
CA ALA A 377 -8.09 9.18 2.76
C ALA A 377 -7.98 10.37 3.71
N ALA A 378 -9.07 10.72 4.38
CA ALA A 378 -9.05 11.86 5.31
C ALA A 378 -8.06 11.61 6.45
N GLY A 379 -8.07 10.39 6.98
CA GLY A 379 -7.15 10.01 8.05
C GLY A 379 -5.70 10.11 7.62
N LEU A 380 -5.43 9.70 6.38
CA LEU A 380 -4.07 9.69 5.86
C LEU A 380 -3.58 11.13 5.59
N LEU A 381 -4.49 11.98 5.11
CA LEU A 381 -4.21 13.39 4.96
C LEU A 381 -3.77 13.99 6.28
N ALA A 382 -4.48 13.66 7.35
CA ALA A 382 -4.13 14.21 8.67
C ALA A 382 -2.75 13.71 9.09
N ARG A 383 -2.36 12.56 8.57
CA ARG A 383 -1.09 11.95 8.96
C ARG A 383 0.07 12.30 8.03
N GLY A 384 -0.16 13.16 7.04
CA GLY A 384 0.90 13.69 6.21
C GLY A 384 1.01 13.08 4.80
N THR A 385 0.06 12.24 4.43
CA THR A 385 0.08 11.60 3.12
C THR A 385 -0.14 12.69 2.06
N ARG A 386 0.64 12.65 0.99
CA ARG A 386 0.64 13.72 -0.01
C ARG A 386 0.25 13.21 -1.41
N ARG A 387 0.40 11.91 -1.66
CA ARG A 387 0.08 11.35 -3.00
C ARG A 387 -1.05 10.33 -2.87
N PHE A 388 -2.10 10.55 -3.66
CA PHE A 388 -3.29 9.69 -3.65
C PHE A 388 -3.63 9.23 -5.04
N VAL A 389 -3.62 7.91 -5.24
CA VAL A 389 -4.12 7.28 -6.46
C VAL A 389 -5.45 6.60 -6.12
N VAL A 390 -6.50 7.01 -6.81
CA VAL A 390 -7.85 6.56 -6.54
C VAL A 390 -8.43 5.91 -7.81
N ALA A 391 -8.90 4.69 -7.66
CA ALA A 391 -9.50 3.96 -8.76
C ALA A 391 -11.00 3.96 -8.62
N GLY A 392 -11.70 4.58 -9.59
CA GLY A 392 -13.14 4.62 -9.57
C GLY A 392 -13.69 6.04 -9.56
N GLY A 393 -14.70 6.28 -10.37
CA GLY A 393 -15.34 7.60 -10.47
C GLY A 393 -16.02 8.09 -9.20
N GLU A 394 -17.02 7.34 -8.76
CA GLU A 394 -17.72 7.63 -7.52
C GLU A 394 -16.73 7.59 -6.37
N THR A 395 -15.80 6.63 -6.44
CA THR A 395 -14.84 6.49 -5.37
C THR A 395 -14.05 7.80 -5.26
N SER A 396 -13.63 8.34 -6.40
CA SER A 396 -12.85 9.58 -6.41
C SER A 396 -13.65 10.76 -5.89
N GLY A 397 -14.94 10.80 -6.23
CA GLY A 397 -15.83 11.83 -5.71
C GLY A 397 -15.85 11.82 -4.19
N ALA A 398 -16.03 10.62 -3.62
CA ALA A 398 -16.07 10.48 -2.16
C ALA A 398 -14.74 10.89 -1.53
N VAL A 399 -13.65 10.34 -2.06
CA VAL A 399 -12.35 10.61 -1.51
C VAL A 399 -11.95 12.08 -1.57
N VAL A 400 -12.14 12.71 -2.72
CA VAL A 400 -11.69 14.06 -2.92
C VAL A 400 -12.54 15.03 -2.09
N GLN A 401 -13.82 14.73 -1.96
CA GLN A 401 -14.65 15.55 -1.08
C GLN A 401 -14.19 15.39 0.38
N ALA A 402 -13.83 14.19 0.80
CA ALA A 402 -13.41 13.97 2.20
C ALA A 402 -12.07 14.66 2.48
N LEU A 403 -11.23 14.76 1.44
CA LEU A 403 -9.97 15.51 1.54
C LEU A 403 -10.12 17.02 1.55
N GLY A 404 -11.30 17.53 1.23
CA GLY A 404 -11.53 18.96 1.27
C GLY A 404 -10.90 19.75 0.12
N VAL A 405 -10.60 19.06 -0.98
CA VAL A 405 -9.96 19.69 -2.13
C VAL A 405 -10.93 20.67 -2.79
N ARG A 406 -10.46 21.86 -3.10
CA ARG A 406 -11.32 22.86 -3.74
C ARG A 406 -11.13 22.96 -5.27
N ALA A 407 -9.93 22.64 -5.74
CA ALA A 407 -9.62 22.79 -7.16
C ALA A 407 -8.34 22.02 -7.47
N LEU A 408 -8.15 21.68 -8.74
CA LEU A 408 -7.00 20.91 -9.18
C LEU A 408 -6.37 21.59 -10.39
N ARG A 409 -5.04 21.53 -10.44
CA ARG A 409 -4.25 21.89 -11.61
C ARG A 409 -3.92 20.60 -12.36
N ILE A 410 -4.02 20.63 -13.68
CA ILE A 410 -3.84 19.44 -14.51
C ILE A 410 -2.39 19.30 -14.98
N GLY A 411 -1.78 18.18 -14.67
CA GLY A 411 -0.41 17.93 -15.11
C GLY A 411 -0.43 16.99 -16.31
N ALA A 412 0.59 16.14 -16.39
CA ALA A 412 0.81 15.32 -17.56
C ALA A 412 -0.03 14.06 -17.55
N GLN A 413 -0.38 13.58 -18.75
CA GLN A 413 -1.14 12.34 -18.89
C GLN A 413 -0.30 11.17 -18.38
N ILE A 414 -0.90 10.35 -17.52
CA ILE A 414 -0.31 9.09 -17.07
C ILE A 414 -0.71 7.94 -18.00
N ALA A 415 -2.01 7.86 -18.30
CA ALA A 415 -2.59 6.88 -19.23
C ALA A 415 -3.73 7.58 -19.96
N PRO A 416 -4.17 7.04 -21.10
CA PRO A 416 -5.29 7.71 -21.76
C PRO A 416 -6.46 7.92 -20.80
N GLY A 417 -6.97 9.16 -20.78
CA GLY A 417 -8.04 9.55 -19.91
C GLY A 417 -7.66 9.85 -18.45
N VAL A 418 -6.37 9.77 -18.09
CA VAL A 418 -5.96 9.93 -16.69
C VAL A 418 -4.70 10.80 -16.54
N PRO A 419 -4.90 12.07 -16.18
CA PRO A 419 -3.76 12.95 -15.91
C PRO A 419 -3.31 12.91 -14.46
N ALA A 420 -2.04 13.21 -14.21
CA ALA A 420 -1.57 13.61 -12.87
C ALA A 420 -2.19 14.99 -12.59
N THR A 421 -2.49 15.27 -11.32
CA THR A 421 -3.06 16.56 -10.91
C THR A 421 -2.43 16.97 -9.58
N VAL A 422 -2.49 18.26 -9.28
CA VAL A 422 -2.10 18.72 -7.97
C VAL A 422 -3.11 19.74 -7.45
N THR A 423 -3.24 19.83 -6.12
CA THR A 423 -4.09 20.86 -5.54
C THR A 423 -3.32 22.16 -5.52
N LEU A 424 -3.96 23.25 -5.09
CA LEU A 424 -3.30 24.56 -5.04
C LEU A 424 -2.83 25.03 -3.64
N ASP A 425 -2.78 24.11 -2.68
CA ASP A 425 -2.34 24.42 -1.31
C ASP A 425 -0.86 24.82 -1.28
N ALA A 426 -0.42 25.47 -0.21
CA ALA A 426 0.99 25.82 -0.09
C ALA A 426 1.83 24.55 -0.18
N LYS A 427 1.37 23.50 0.48
CA LYS A 427 1.94 22.17 0.33
C LYS A 427 0.94 21.28 -0.43
N PRO A 428 1.05 21.27 -1.76
CA PRO A 428 -0.03 20.61 -2.50
C PRO A 428 -0.17 19.12 -2.21
N LEU A 429 -1.33 18.58 -2.57
CA LEU A 429 -1.52 17.14 -2.69
C LEU A 429 -1.41 16.81 -4.17
N ALA A 430 -0.93 15.61 -4.46
CA ALA A 430 -0.90 15.12 -5.83
C ALA A 430 -1.88 13.98 -5.94
N LEU A 431 -2.77 14.07 -6.92
CA LEU A 431 -3.84 13.11 -7.10
C LEU A 431 -3.87 12.52 -8.50
N ALA A 432 -4.19 11.25 -8.60
CA ALA A 432 -4.49 10.62 -9.88
C ALA A 432 -5.83 9.95 -9.69
N LEU A 433 -6.82 10.45 -10.41
CA LEU A 433 -8.19 10.01 -10.28
C LEU A 433 -8.51 9.18 -11.52
N LYS A 434 -8.47 7.87 -11.35
CA LYS A 434 -8.55 6.91 -12.46
C LYS A 434 -9.96 6.37 -12.66
N SER A 435 -10.61 6.78 -13.74
CA SER A 435 -11.84 6.12 -14.13
C SER A 435 -11.65 4.61 -14.13
N GLY A 436 -12.66 3.89 -13.65
CA GLY A 436 -12.53 2.48 -13.41
C GLY A 436 -12.00 1.66 -14.57
N ASN A 437 -12.44 1.97 -15.78
CA ASN A 437 -12.03 1.21 -16.94
C ASN A 437 -10.66 1.59 -17.53
N PHE A 438 -10.02 2.62 -16.99
CA PHE A 438 -8.82 3.16 -17.61
C PHE A 438 -7.53 2.65 -16.99
N GLY A 439 -6.44 2.84 -17.73
CA GLY A 439 -5.11 2.47 -17.29
C GLY A 439 -4.76 1.03 -17.65
N GLY A 440 -3.47 0.77 -17.77
CA GLY A 440 -2.95 -0.56 -18.00
C GLY A 440 -2.78 -1.32 -16.69
N PRO A 441 -2.33 -2.58 -16.78
CA PRO A 441 -2.15 -3.41 -15.58
C PRO A 441 -1.23 -2.82 -14.52
N ASP A 442 -0.27 -2.02 -14.97
N ASP A 442 -0.21 -2.06 -14.90
CA ASP A 442 0.74 -1.46 -14.08
CA ASP A 442 0.69 -1.49 -13.89
C ASP A 442 0.43 -0.05 -13.59
C ASP A 442 0.42 -0.04 -13.57
N PHE A 443 -0.82 0.39 -13.77
CA PHE A 443 -1.17 1.77 -13.55
C PHE A 443 -0.88 2.29 -12.13
N PHE A 444 -1.11 1.49 -11.10
CA PHE A 444 -0.99 2.00 -9.74
C PHE A 444 0.45 2.49 -9.50
N ASP A 445 1.43 1.68 -9.91
CA ASP A 445 2.85 2.05 -9.78
C ASP A 445 3.22 3.20 -10.70
N GLU A 446 2.77 3.13 -11.95
CA GLU A 446 3.00 4.21 -12.89
C GLU A 446 2.51 5.55 -12.33
N ALA A 447 1.31 5.55 -11.78
CA ALA A 447 0.69 6.76 -11.22
C ALA A 447 1.46 7.28 -10.00
N LEU A 448 1.76 6.38 -9.06
CA LEU A 448 2.47 6.78 -7.84
C LEU A 448 3.78 7.47 -8.20
N ARG A 449 4.51 6.89 -9.14
CA ARG A 449 5.78 7.45 -9.59
C ARG A 449 5.66 8.78 -10.30
N GLN A 450 4.65 8.92 -11.16
CA GLN A 450 4.51 10.17 -11.86
C GLN A 450 4.08 11.30 -10.90
N LEU A 451 3.30 10.97 -9.88
CA LEU A 451 2.84 11.96 -8.89
C LEU A 451 4.02 12.53 -8.09
N GLY A 452 5.05 11.72 -7.86
CA GLY A 452 6.22 12.22 -7.18
C GLY A 452 7.03 11.16 -6.48
N GLY A 453 8.07 11.61 -5.78
CA GLY A 453 8.98 10.73 -5.09
C GLY A 453 8.49 10.25 -3.73
N HIS A 454 9.29 9.38 -3.13
CA HIS A 454 8.91 8.64 -1.94
C HIS A 454 8.76 9.48 -0.68
N ARG B 31 9.18 -20.91 36.12
CA ARG B 31 9.09 -22.15 35.37
C ARG B 31 8.98 -21.94 33.84
N PRO B 32 10.03 -21.37 33.21
CA PRO B 32 10.11 -21.19 31.75
C PRO B 32 10.14 -22.52 31.04
N LEU B 33 9.43 -22.62 29.93
CA LEU B 33 9.15 -23.89 29.31
C LEU B 33 9.93 -24.07 28.03
N LEU B 34 10.10 -22.99 27.28
CA LEU B 34 10.66 -23.07 25.94
C LEU B 34 11.93 -22.25 25.86
N GLY B 35 13.03 -22.89 25.47
CA GLY B 35 14.30 -22.20 25.32
C GLY B 35 14.69 -22.16 23.87
N CYS B 36 14.99 -20.96 23.36
CA CYS B 36 15.30 -20.80 21.96
C CYS B 36 16.67 -20.20 21.74
N ILE B 37 17.31 -20.63 20.67
CA ILE B 37 18.63 -20.18 20.29
C ILE B 37 18.50 -19.66 18.86
N ALA B 38 18.66 -18.35 18.67
CA ALA B 38 18.45 -17.72 17.37
C ALA B 38 19.77 -17.23 16.80
N ASP B 39 19.96 -17.41 15.50
CA ASP B 39 21.24 -17.08 14.86
C ASP B 39 21.44 -15.62 14.41
N ASP B 40 20.45 -14.75 14.60
CA ASP B 40 20.65 -13.32 14.44
C ASP B 40 19.62 -12.57 15.27
N PHE B 41 19.80 -11.27 15.39
CA PHE B 41 18.95 -10.48 16.27
C PHE B 41 17.56 -10.26 15.70
N THR B 42 17.47 -9.92 14.42
CA THR B 42 16.18 -9.64 13.82
C THR B 42 15.30 -10.89 13.87
N GLY B 43 15.88 -12.05 13.53
CA GLY B 43 15.19 -13.32 13.65
C GLY B 43 14.82 -13.69 15.10
N ALA B 44 15.69 -13.40 16.06
CA ALA B 44 15.35 -13.62 17.48
C ALA B 44 14.09 -12.79 17.85
N THR B 45 14.06 -11.56 17.39
CA THR B 45 12.90 -10.67 17.64
C THR B 45 11.63 -11.21 16.98
N ASP B 46 11.76 -11.64 15.73
CA ASP B 46 10.62 -12.17 15.01
C ASP B 46 10.07 -13.42 15.68
N LEU B 47 10.95 -14.27 16.19
CA LEU B 47 10.50 -15.46 16.91
C LEU B 47 9.82 -15.07 18.23
N ALA B 48 10.41 -14.14 18.97
CA ALA B 48 9.82 -13.65 20.22
C ALA B 48 8.42 -13.08 19.93
N ASN B 49 8.30 -12.30 18.86
CA ASN B 49 6.97 -11.73 18.52
C ASN B 49 5.95 -12.82 18.27
N THR B 50 6.38 -13.91 17.63
CA THR B 50 5.50 -15.03 17.34
C THR B 50 5.05 -15.75 18.61
N LEU B 51 5.99 -15.97 19.52
CA LEU B 51 5.71 -16.61 20.80
C LEU B 51 4.74 -15.76 21.63
N VAL B 52 5.00 -14.46 21.67
CA VAL B 52 4.16 -13.55 22.43
C VAL B 52 2.74 -13.50 21.86
N ARG B 53 2.65 -13.42 20.53
CA ARG B 53 1.34 -13.38 19.86
C ARG B 53 0.52 -14.62 20.20
N ASN B 54 1.21 -15.74 20.40
CA ASN B 54 0.55 -16.99 20.67
C ASN B 54 0.57 -17.43 22.14
N GLY B 55 0.83 -16.49 23.03
CA GLY B 55 0.45 -16.65 24.43
C GLY B 55 1.57 -16.89 25.42
N MSE B 56 2.83 -16.77 24.98
CA MSE B 56 3.94 -16.95 25.88
C MSE B 56 4.65 -15.64 26.22
O MSE B 56 5.12 -14.93 25.34
CB MSE B 56 4.96 -17.96 25.34
CG MSE B 56 4.38 -19.36 25.17
SE MSE B 56 5.69 -20.72 24.57
CE MSE B 56 6.36 -21.24 26.34
H MSE B 56 3.05 -16.56 24.18
HA MSE B 56 3.60 -17.32 26.72
HB2 MSE B 56 5.27 -17.66 24.47
HB3 MSE B 56 5.70 -18.02 25.95
HG2 MSE B 56 4.02 -19.66 26.02
HG3 MSE B 56 3.66 -19.33 24.52
HE1 MSE B 56 7.03 -21.91 26.23
HE2 MSE B 56 6.74 -20.47 26.77
HE3 MSE B 56 5.63 -21.58 26.86
N ARG B 57 4.73 -15.34 27.51
CA ARG B 57 5.53 -14.22 28.00
C ARG B 57 6.96 -14.55 27.62
N THR B 58 7.65 -13.61 26.96
CA THR B 58 8.93 -13.93 26.37
C THR B 58 10.00 -12.92 26.73
N VAL B 59 11.18 -13.42 27.07
CA VAL B 59 12.35 -12.59 27.36
C VAL B 59 13.44 -12.93 26.34
N GLN B 60 14.06 -11.89 25.76
CA GLN B 60 15.13 -12.03 24.77
C GLN B 60 16.48 -11.59 25.37
N THR B 61 17.50 -12.44 25.25
CA THR B 61 18.81 -12.08 25.77
C THR B 61 19.68 -11.44 24.69
N ILE B 62 20.48 -10.46 25.06
CA ILE B 62 21.40 -9.82 24.14
C ILE B 62 22.67 -10.64 24.09
N GLY B 63 22.78 -11.52 23.09
CA GLY B 63 23.95 -12.35 23.00
C GLY B 63 23.96 -13.40 24.09
N LEU B 64 25.06 -14.13 24.18
CA LEU B 64 25.25 -15.12 25.25
C LEU B 64 25.35 -14.41 26.61
N PRO B 65 24.49 -14.80 27.56
CA PRO B 65 24.57 -14.23 28.93
C PRO B 65 25.61 -14.92 29.80
N GLY B 74 13.00 -12.87 35.82
CA GLY B 74 11.63 -12.46 35.49
C GLY B 74 10.66 -13.62 35.56
N GLU B 75 9.47 -13.42 35.01
CA GLU B 75 8.45 -14.47 34.96
C GLU B 75 8.13 -14.83 33.52
N ALA B 76 9.11 -15.41 32.86
CA ALA B 76 9.03 -15.71 31.45
C ALA B 76 8.53 -17.14 31.19
N ASP B 77 7.74 -17.29 30.13
CA ASP B 77 7.33 -18.61 29.66
C ASP B 77 8.35 -19.11 28.65
N ALA B 78 8.91 -18.18 27.88
CA ALA B 78 9.84 -18.51 26.82
C ALA B 78 11.07 -17.59 26.90
N LEU B 79 12.22 -18.19 26.60
CA LEU B 79 13.48 -17.47 26.57
C LEU B 79 14.08 -17.59 25.17
N VAL B 80 14.51 -16.48 24.61
CA VAL B 80 15.15 -16.48 23.30
C VAL B 80 16.55 -15.88 23.40
N VAL B 81 17.57 -16.68 23.14
CA VAL B 81 18.94 -16.19 23.14
C VAL B 81 19.30 -15.69 21.75
N ALA B 82 19.54 -14.38 21.62
CA ALA B 82 19.88 -13.77 20.33
C ALA B 82 21.39 -13.79 20.08
N LEU B 83 21.85 -14.77 19.30
CA LEU B 83 23.25 -14.82 18.93
C LEU B 83 23.53 -14.08 17.62
N LYS B 84 24.80 -13.92 17.28
CA LYS B 84 25.22 -13.48 15.96
C LYS B 84 26.07 -14.58 15.32
N SER B 85 25.42 -15.58 14.75
CA SER B 85 26.08 -16.83 14.51
C SER B 85 25.73 -17.45 13.16
N ARG B 86 25.08 -16.67 12.31
CA ARG B 86 24.63 -17.14 11.01
C ARG B 86 25.78 -17.42 10.05
N THR B 87 26.79 -16.55 10.08
CA THR B 87 27.86 -16.65 9.10
C THR B 87 29.26 -16.72 9.71
N ILE B 88 29.35 -16.89 11.02
CA ILE B 88 30.66 -17.08 11.66
C ILE B 88 31.11 -18.53 11.47
N PRO B 89 32.41 -18.80 11.72
CA PRO B 89 32.85 -20.17 11.48
C PRO B 89 32.05 -21.18 12.30
N ALA B 90 31.85 -22.36 11.72
CA ALA B 90 30.98 -23.36 12.32
C ALA B 90 31.45 -23.69 13.73
N VAL B 91 32.77 -23.77 13.93
CA VAL B 91 33.27 -24.16 15.24
C VAL B 91 32.82 -23.15 16.30
N GLU B 92 32.78 -21.88 15.93
CA GLU B 92 32.30 -20.83 16.85
C GLU B 92 30.79 -20.84 17.01
N ALA B 93 30.01 -21.11 15.95
CA ALA B 93 28.57 -21.14 16.11
C ALA B 93 28.17 -22.32 17.00
N VAL B 94 28.84 -23.45 16.84
CA VAL B 94 28.56 -24.62 17.67
C VAL B 94 28.85 -24.31 19.15
N ALA B 95 29.98 -23.67 19.43
CA ALA B 95 30.39 -23.43 20.81
C ALA B 95 29.43 -22.46 21.50
N GLN B 96 29.05 -21.40 20.78
CA GLN B 96 28.12 -20.41 21.31
C GLN B 96 26.73 -20.99 21.51
N SER B 97 26.28 -21.80 20.54
CA SER B 97 24.97 -22.43 20.64
C SER B 97 24.91 -23.41 21.80
N LEU B 98 25.99 -24.17 22.01
CA LEU B 98 26.08 -25.08 23.14
C LEU B 98 26.05 -24.33 24.47
N ALA B 99 26.79 -23.24 24.55
CA ALA B 99 26.78 -22.39 25.74
C ALA B 99 25.37 -21.87 26.00
N ALA B 100 24.66 -21.49 24.94
CA ALA B 100 23.28 -21.03 25.06
C ALA B 100 22.37 -22.14 25.54
N LEU B 101 22.55 -23.36 25.02
CA LEU B 101 21.73 -24.48 25.46
C LEU B 101 21.91 -24.72 26.96
N GLN B 102 23.16 -24.75 27.41
CA GLN B 102 23.42 -24.95 28.83
C GLN B 102 22.73 -23.90 29.70
N TRP B 103 22.79 -22.64 29.27
CA TRP B 103 22.15 -21.56 30.03
C TRP B 103 20.64 -21.76 30.07
N LEU B 104 20.04 -22.10 28.93
CA LEU B 104 18.60 -22.34 28.86
C LEU B 104 18.17 -23.53 29.73
N ARG B 105 18.95 -24.61 29.70
CA ARG B 105 18.63 -25.79 30.50
C ARG B 105 18.68 -25.46 31.99
N ALA B 106 19.64 -24.62 32.37
CA ALA B 106 19.79 -24.18 33.76
C ALA B 106 18.63 -23.32 34.26
N GLN B 107 17.90 -22.66 33.35
CA GLN B 107 16.73 -21.87 33.71
C GLN B 107 15.48 -22.74 33.82
N GLY B 108 15.60 -24.01 33.41
CA GLY B 108 14.51 -24.96 33.58
C GLY B 108 13.70 -25.28 32.34
N CYS B 109 14.16 -24.81 31.18
CA CYS B 109 13.46 -25.11 29.94
C CYS B 109 13.47 -26.61 29.64
N ARG B 110 12.32 -27.09 29.15
CA ARG B 110 12.10 -28.51 28.86
C ARG B 110 12.14 -28.83 27.36
N GLN B 111 11.96 -27.82 26.52
CA GLN B 111 12.00 -28.02 25.06
C GLN B 111 12.76 -26.87 24.44
N PHE B 112 13.39 -27.14 23.32
CA PHE B 112 14.32 -26.19 22.72
C PHE B 112 14.06 -25.97 21.25
N VAL B 113 14.27 -24.72 20.82
CA VAL B 113 14.13 -24.38 19.40
C VAL B 113 15.43 -23.77 18.91
N PHE B 114 15.90 -24.28 17.78
CA PHE B 114 17.02 -23.68 17.06
C PHE B 114 16.44 -22.89 15.90
N LYS B 115 16.59 -21.57 15.99
CA LYS B 115 15.94 -20.62 15.10
C LYS B 115 16.95 -20.01 14.12
N TYR B 116 16.76 -20.26 12.84
CA TYR B 116 17.57 -19.71 11.76
C TYR B 116 16.63 -19.04 10.72
N CYS B 117 17.18 -18.55 9.60
CA CYS B 117 16.38 -17.76 8.67
C CYS B 117 15.34 -18.59 7.95
N SER B 118 14.22 -17.95 7.61
CA SER B 118 13.18 -18.60 6.79
C SER B 118 13.68 -18.95 5.39
N THR B 119 14.77 -18.31 4.93
CA THR B 119 15.34 -18.64 3.65
C THR B 119 16.55 -19.58 3.82
N PHE B 120 16.72 -20.10 5.03
CA PHE B 120 17.68 -21.20 5.31
C PHE B 120 19.14 -20.79 5.11
N ASP B 121 19.39 -19.51 5.37
CA ASP B 121 20.67 -18.87 5.10
C ASP B 121 21.83 -19.65 5.71
N SER B 122 22.74 -20.11 4.83
CA SER B 122 23.87 -20.96 5.19
C SER B 122 24.74 -21.21 3.96
N THR B 123 25.87 -21.91 4.15
CA THR B 123 26.66 -22.41 3.03
C THR B 123 26.94 -23.88 3.29
N ASP B 124 27.67 -24.55 2.40
CA ASP B 124 27.99 -25.94 2.69
C ASP B 124 28.78 -26.09 4.00
N ALA B 125 29.45 -25.02 4.45
CA ALA B 125 30.26 -25.08 5.68
C ALA B 125 29.46 -24.92 6.97
N GLY B 126 28.22 -24.43 6.84
CA GLY B 126 27.36 -24.27 8.01
C GLY B 126 26.48 -23.03 7.91
N ASN B 127 25.74 -22.71 8.98
CA ASN B 127 25.86 -23.35 10.28
C ASN B 127 24.65 -24.13 10.78
N ILE B 128 23.64 -24.28 9.94
CA ILE B 128 22.43 -24.98 10.33
C ILE B 128 22.72 -26.46 10.64
N GLY B 129 23.38 -27.18 9.74
CA GLY B 129 23.78 -28.55 10.05
C GLY B 129 24.63 -28.70 11.30
N PRO B 130 25.78 -28.04 11.34
CA PRO B 130 26.68 -28.20 12.49
C PRO B 130 26.02 -27.87 13.83
N VAL B 131 25.25 -26.80 13.88
CA VAL B 131 24.66 -26.38 15.14
C VAL B 131 23.54 -27.34 15.52
N ALA B 132 22.69 -27.69 14.56
CA ALA B 132 21.59 -28.61 14.81
C ALA B 132 22.07 -29.97 15.32
N GLU B 133 23.11 -30.49 14.68
CA GLU B 133 23.69 -31.77 15.04
C GLU B 133 24.27 -31.74 16.45
N ALA B 134 24.94 -30.64 16.78
CA ALA B 134 25.56 -30.51 18.08
C ALA B 134 24.53 -30.43 19.20
N LEU B 135 23.45 -29.69 18.93
CA LEU B 135 22.37 -29.57 19.88
C LEU B 135 21.69 -30.92 20.10
N LEU B 136 21.42 -31.65 19.01
CA LEU B 136 20.90 -33.01 19.16
C LEU B 136 21.74 -33.88 20.08
N ALA B 137 23.04 -33.91 19.81
CA ALA B 137 23.95 -34.73 20.61
C ALA B 137 23.90 -34.32 22.08
N ALA B 138 23.97 -33.02 22.37
CA ALA B 138 23.98 -32.54 23.75
C ALA B 138 22.70 -32.91 24.52
N LEU B 139 21.59 -32.96 23.80
CA LEU B 139 20.29 -33.38 24.32
C LEU B 139 20.07 -34.89 24.33
N ASP B 140 21.08 -35.66 23.91
CA ASP B 140 20.96 -37.10 23.81
C ASP B 140 19.70 -37.53 23.04
N SER B 141 19.45 -36.89 21.90
CA SER B 141 18.29 -37.17 21.09
C SER B 141 18.74 -37.56 19.68
N ASP B 142 17.93 -38.36 18.99
CA ASP B 142 18.33 -38.87 17.68
C ASP B 142 17.48 -38.39 16.52
N PHE B 143 16.63 -37.40 16.76
CA PHE B 143 15.80 -36.90 15.66
C PHE B 143 15.27 -35.50 15.90
N THR B 144 15.36 -34.65 14.88
CA THR B 144 14.67 -33.37 14.88
C THR B 144 14.20 -33.06 13.46
N ILE B 145 13.35 -32.03 13.34
CA ILE B 145 12.94 -31.56 12.04
C ILE B 145 13.67 -30.28 11.77
N ALA B 146 13.72 -29.95 10.48
CA ALA B 146 14.13 -28.66 10.03
C ALA B 146 13.02 -28.10 9.15
N CYS B 147 12.36 -27.04 9.61
CA CYS B 147 11.26 -26.42 8.88
C CYS B 147 11.31 -24.89 8.91
N PRO B 148 11.95 -24.26 7.89
CA PRO B 148 11.93 -22.81 7.86
C PRO B 148 10.63 -22.16 7.37
N ALA B 149 9.61 -22.96 7.08
CA ALA B 149 8.37 -22.42 6.51
C ALA B 149 7.59 -21.51 7.47
N PHE B 150 6.84 -20.60 6.87
CA PHE B 150 5.84 -19.78 7.56
C PHE B 150 4.90 -19.31 6.46
N PRO B 151 3.89 -20.12 6.14
CA PRO B 151 3.04 -19.90 4.96
C PRO B 151 2.30 -18.56 4.95
N GLU B 152 1.82 -18.12 6.12
CA GLU B 152 1.19 -16.80 6.26
C GLU B 152 2.14 -15.68 5.80
N ASN B 153 3.44 -15.92 5.93
CA ASN B 153 4.45 -14.92 5.55
C ASN B 153 5.22 -15.30 4.27
N GLY B 154 4.59 -16.11 3.42
CA GLY B 154 5.11 -16.39 2.11
C GLY B 154 6.27 -17.38 1.99
N ARG B 155 6.49 -18.23 2.99
CA ARG B 155 7.48 -19.29 2.90
C ARG B 155 6.80 -20.63 3.07
N THR B 156 6.88 -21.43 2.02
CA THR B 156 6.32 -22.78 2.03
C THR B 156 7.35 -23.80 1.52
N ILE B 157 7.13 -25.04 1.91
CA ILE B 157 8.01 -26.14 1.56
C ILE B 157 7.17 -27.29 1.01
N PHE B 158 7.50 -27.71 -0.20
CA PHE B 158 6.77 -28.75 -0.90
C PHE B 158 7.79 -29.72 -1.51
N ARG B 159 7.63 -31.01 -1.20
CA ARG B 159 8.57 -32.03 -1.66
C ARG B 159 10.00 -31.57 -1.36
N GLY B 160 10.17 -30.96 -0.20
CA GLY B 160 11.49 -30.54 0.24
C GLY B 160 12.03 -29.29 -0.39
N HIS B 161 11.26 -28.64 -1.27
CA HIS B 161 11.73 -27.45 -1.93
C HIS B 161 11.11 -26.22 -1.30
N LEU B 162 11.96 -25.26 -0.97
CA LEU B 162 11.50 -24.01 -0.36
C LEU B 162 11.08 -22.97 -1.40
N PHE B 163 9.89 -22.42 -1.20
CA PHE B 163 9.35 -21.34 -2.03
C PHE B 163 9.24 -20.07 -1.21
N VAL B 164 9.56 -18.95 -1.86
CA VAL B 164 9.34 -17.59 -1.33
C VAL B 164 8.31 -16.95 -2.25
N GLY B 165 7.11 -16.74 -1.71
CA GLY B 165 5.95 -16.44 -2.55
C GLY B 165 5.80 -17.59 -3.55
N ASP B 166 5.58 -17.25 -4.81
CA ASP B 166 5.48 -18.27 -5.85
C ASP B 166 6.81 -18.64 -6.48
N ALA B 167 7.93 -18.16 -5.92
CA ALA B 167 9.23 -18.39 -6.53
C ALA B 167 10.03 -19.42 -5.74
N LEU B 168 10.75 -20.28 -6.47
CA LEU B 168 11.75 -21.14 -5.79
C LEU B 168 12.78 -20.24 -5.10
N LEU B 169 13.34 -20.73 -3.99
CA LEU B 169 14.36 -20.02 -3.23
C LEU B 169 15.46 -19.45 -4.13
N ASN B 170 15.93 -20.25 -5.07
CA ASN B 170 17.04 -19.81 -5.90
C ASN B 170 16.61 -18.95 -7.09
N GLU B 171 15.33 -18.55 -7.11
CA GLU B 171 14.86 -17.57 -8.08
C GLU B 171 14.07 -16.46 -7.40
N SER B 172 14.37 -16.28 -6.11
CA SER B 172 13.67 -15.35 -5.23
C SER B 172 14.47 -14.08 -4.98
N GLY B 173 15.73 -14.10 -5.38
CA GLY B 173 16.69 -13.06 -5.03
C GLY B 173 17.80 -13.59 -4.14
N MSE B 174 17.47 -14.61 -3.35
CA MSE B 174 18.42 -15.17 -2.40
C MSE B 174 19.63 -15.79 -3.09
O MSE B 174 20.68 -15.96 -2.45
CB MSE B 174 17.73 -16.19 -1.50
CG MSE B 174 16.92 -15.60 -0.35
SE MSE B 174 17.92 -14.33 0.83
CE MSE B 174 19.29 -15.57 1.53
H MSE B 174 16.70 -15.00 -3.35
HA MSE B 174 18.73 -14.43 -1.82
HB2 MSE B 174 17.12 -16.71 -2.05
HB3 MSE B 174 18.41 -16.77 -1.12
HG2 MSE B 174 16.16 -15.12 -0.71
HG3 MSE B 174 16.61 -16.33 0.21
HE1 MSE B 174 19.86 -15.09 2.14
HE2 MSE B 174 18.86 -16.29 2.00
HE3 MSE B 174 19.80 -15.91 0.81
N GLU B 175 19.48 -16.17 -4.37
CA GLU B 175 20.57 -16.76 -5.13
C GLU B 175 21.75 -15.78 -5.32
N HIS B 176 21.49 -14.49 -5.07
CA HIS B 176 22.52 -13.46 -5.20
C HIS B 176 22.88 -12.83 -3.86
N HIS B 177 22.50 -13.48 -2.76
CA HIS B 177 22.87 -12.96 -1.45
C HIS B 177 24.41 -12.94 -1.35
N PRO B 178 24.98 -11.84 -0.84
CA PRO B 178 26.44 -11.70 -0.91
C PRO B 178 27.24 -12.65 -0.01
N LEU B 179 26.67 -13.03 1.12
CA LEU B 179 27.30 -13.98 2.03
C LEU B 179 26.80 -15.42 1.96
N THR B 180 25.49 -15.62 1.84
CA THR B 180 24.91 -16.96 1.69
C THR B 180 23.98 -17.03 0.45
N PRO B 181 24.60 -17.04 -0.74
CA PRO B 181 23.79 -17.19 -1.97
C PRO B 181 23.14 -18.55 -1.97
N MSE B 182 21.82 -18.56 -2.12
CA MSE B 182 21.08 -19.80 -2.07
C MSE B 182 20.72 -20.22 -3.48
O MSE B 182 19.70 -19.81 -4.02
CB MSE B 182 19.85 -19.64 -1.20
CG MSE B 182 20.10 -19.07 0.15
SE MSE B 182 21.46 -20.07 1.22
CE MSE B 182 20.34 -21.63 1.57
H MSE B 182 21.34 -17.86 -2.26
HA MSE B 182 21.65 -20.49 -1.67
HB2 MSE B 182 19.23 -19.04 -1.66
HB3 MSE B 182 19.44 -20.50 -1.08
HG2 MSE B 182 20.42 -18.16 0.06
HG3 MSE B 182 19.27 -19.07 0.65
HE1 MSE B 182 20.84 -22.26 2.09
HE2 MSE B 182 19.56 -21.35 2.04
HE3 MSE B 182 20.09 -22.03 0.73
N THR B 183 21.58 -21.05 -4.08
CA THR B 183 21.43 -21.43 -5.48
C THR B 183 20.69 -22.75 -5.68
N ASP B 184 20.23 -23.36 -4.58
CA ASP B 184 19.55 -24.65 -4.59
C ASP B 184 18.32 -24.61 -3.68
N ALA B 185 17.14 -24.81 -4.28
CA ALA B 185 15.90 -24.80 -3.51
C ALA B 185 15.58 -26.09 -2.78
N SER B 186 16.32 -27.15 -3.11
CA SER B 186 16.13 -28.40 -2.42
C SER B 186 16.82 -28.38 -1.06
N LEU B 187 16.04 -28.19 -0.01
CA LEU B 187 16.59 -28.13 1.35
C LEU B 187 17.19 -29.46 1.82
N VAL B 188 16.66 -30.59 1.38
CA VAL B 188 17.26 -31.88 1.71
C VAL B 188 18.73 -31.90 1.28
N ARG B 189 18.97 -31.52 0.03
CA ARG B 189 20.30 -31.45 -0.56
C ARG B 189 21.16 -30.43 0.19
N VAL B 190 20.60 -29.24 0.41
CA VAL B 190 21.33 -28.15 1.05
C VAL B 190 21.75 -28.58 2.47
N LEU B 191 20.83 -29.17 3.22
CA LEU B 191 21.16 -29.58 4.61
C LEU B 191 22.15 -30.72 4.60
N GLN B 192 21.97 -31.68 3.70
CA GLN B 192 22.83 -32.86 3.73
C GLN B 192 24.29 -32.53 3.48
N ARG B 193 24.51 -31.59 2.58
CA ARG B 193 25.86 -31.10 2.31
C ARG B 193 26.57 -30.51 3.54
N GLN B 194 25.84 -30.01 4.53
CA GLN B 194 26.50 -29.41 5.69
C GLN B 194 26.33 -30.26 6.96
N SER B 195 25.89 -31.52 6.78
CA SER B 195 25.55 -32.42 7.88
C SER B 195 26.28 -33.76 7.88
N LYS B 196 26.70 -34.20 9.05
CA LYS B 196 27.17 -35.56 9.23
C LYS B 196 26.02 -36.55 9.35
N ASN B 197 24.91 -36.10 9.90
CA ASN B 197 23.73 -36.94 10.11
C ASN B 197 22.95 -37.19 8.80
N LYS B 198 22.30 -38.34 8.72
CA LYS B 198 21.42 -38.67 7.58
C LYS B 198 20.18 -37.76 7.57
N VAL B 199 19.96 -37.11 6.43
CA VAL B 199 18.86 -36.16 6.24
C VAL B 199 17.81 -36.83 5.37
N GLY B 200 16.56 -36.59 5.70
CA GLY B 200 15.44 -37.15 4.97
C GLY B 200 14.32 -36.13 4.86
N LEU B 201 13.16 -36.59 4.40
CA LEU B 201 12.04 -35.71 4.12
C LEU B 201 10.74 -36.19 4.74
N LEU B 202 10.07 -35.27 5.41
CA LEU B 202 8.73 -35.49 5.94
C LEU B 202 7.81 -34.76 4.96
N ARG B 203 7.20 -35.52 4.06
CA ARG B 203 6.53 -34.94 2.89
C ARG B 203 5.10 -34.44 3.20
N TYR B 204 4.66 -33.47 2.41
CA TYR B 204 3.41 -32.76 2.58
C TYR B 204 2.16 -33.65 2.72
N ASP B 205 2.16 -34.78 2.03
CA ASP B 205 1.01 -35.67 2.04
C ASP B 205 0.83 -36.37 3.38
N ALA B 206 1.93 -36.66 4.07
CA ALA B 206 1.84 -37.16 5.44
C ALA B 206 1.39 -36.05 6.39
N VAL B 207 1.99 -34.88 6.26
CA VAL B 207 1.68 -33.76 7.14
C VAL B 207 0.21 -33.36 7.02
N ALA B 208 -0.29 -33.31 5.80
CA ALA B 208 -1.66 -32.94 5.53
C ALA B 208 -2.65 -33.85 6.25
N ARG B 209 -2.27 -35.10 6.49
CA ARG B 209 -3.18 -36.06 7.09
C ARG B 209 -3.28 -35.94 8.61
N GLY B 210 -2.45 -35.07 9.19
CA GLY B 210 -2.58 -34.71 10.60
C GLY B 210 -1.48 -35.26 11.51
N ALA B 211 -1.63 -35.04 12.82
CA ALA B 211 -0.56 -35.32 13.79
C ALA B 211 -0.19 -36.80 13.87
N HIS B 212 -1.19 -37.67 13.89
CA HIS B 212 -0.92 -39.10 13.99
C HIS B 212 -0.18 -39.64 12.78
N ALA B 213 -0.63 -39.27 11.58
CA ALA B 213 0.02 -39.68 10.34
C ALA B 213 1.47 -39.16 10.28
N THR B 214 1.67 -37.94 10.77
CA THR B 214 3.00 -37.35 10.79
C THR B 214 3.89 -38.08 11.78
N ALA B 215 3.34 -38.41 12.95
CA ALA B 215 4.12 -39.12 13.96
C ALA B 215 4.55 -40.48 13.42
N GLU B 216 3.64 -41.14 12.70
CA GLU B 216 3.96 -42.42 12.07
C GLU B 216 5.11 -42.31 11.06
N ARG B 217 5.08 -41.27 10.25
CA ARG B 217 6.09 -41.07 9.22
C ARG B 217 7.43 -40.77 9.89
N ILE B 218 7.42 -39.93 10.93
CA ILE B 218 8.61 -39.69 11.74
C ILE B 218 9.18 -41.01 12.25
N ALA B 219 8.34 -41.91 12.72
CA ALA B 219 8.84 -43.19 13.25
C ALA B 219 9.50 -44.03 12.15
N ALA B 220 8.90 -44.03 10.97
CA ALA B 220 9.45 -44.72 9.80
C ALA B 220 10.81 -44.09 9.42
N LEU B 221 10.86 -42.77 9.38
CA LEU B 221 12.11 -42.10 9.08
C LEU B 221 13.22 -42.49 10.07
N ARG B 222 12.91 -42.44 11.35
CA ARG B 222 13.89 -42.77 12.39
C ARG B 222 14.30 -44.25 12.27
N SER B 223 13.34 -45.11 11.94
CA SER B 223 13.65 -46.53 11.81
C SER B 223 14.70 -46.74 10.72
N ASP B 224 14.67 -45.87 9.72
CA ASP B 224 15.60 -45.89 8.60
C ASP B 224 16.88 -45.10 8.84
N GLY B 225 17.09 -44.62 10.05
CA GLY B 225 18.33 -43.94 10.39
C GLY B 225 18.32 -42.45 10.13
N VAL B 226 17.18 -41.91 9.71
CA VAL B 226 17.08 -40.47 9.46
C VAL B 226 17.10 -39.74 10.81
N ARG B 227 18.06 -38.83 10.97
CA ARG B 227 18.21 -38.05 12.20
C ARG B 227 17.74 -36.62 12.08
N MSE B 228 17.61 -36.11 10.86
CA MSE B 228 17.05 -34.79 10.63
C MSE B 228 16.18 -34.82 9.38
O MSE B 228 16.63 -35.23 8.34
CB MSE B 228 18.18 -33.76 10.47
CG MSE B 228 19.16 -33.77 11.66
SE MSE B 228 20.35 -32.20 11.65
CE MSE B 228 19.03 -30.92 11.16
H MSE B 228 17.85 -36.51 10.14
HA MSE B 228 16.51 -34.53 11.40
HB2 MSE B 228 18.68 -33.95 9.67
HB3 MSE B 228 17.78 -32.87 10.41
HG2 MSE B 228 18.66 -33.76 12.49
HG3 MSE B 228 19.71 -34.57 11.61
HE1 MSE B 228 19.44 -30.07 11.11
HE2 MSE B 228 18.65 -31.17 10.32
HE3 MSE B 228 18.35 -30.92 11.83
N ALA B 229 14.93 -34.41 9.53
CA ALA B 229 14.03 -34.39 8.39
C ALA B 229 13.63 -32.97 8.06
N ILE B 230 13.86 -32.60 6.80
CA ILE B 230 13.20 -31.43 6.25
C ILE B 230 11.71 -31.71 6.30
N ALA B 231 10.90 -30.75 6.74
CA ALA B 231 9.46 -30.96 6.87
C ALA B 231 8.73 -30.00 5.96
N ASP B 232 7.93 -30.58 5.07
CA ASP B 232 7.02 -29.82 4.23
C ASP B 232 5.96 -29.10 5.07
N ALA B 233 5.53 -27.91 4.60
CA ALA B 233 4.45 -27.18 5.20
C ALA B 233 3.93 -26.22 4.16
N VAL B 234 2.66 -26.36 3.81
CA VAL B 234 2.05 -25.51 2.78
C VAL B 234 1.06 -24.53 3.34
N SER B 235 0.71 -24.72 4.62
CA SER B 235 -0.22 -23.83 5.30
C SER B 235 0.19 -23.68 6.75
N ASP B 236 -0.41 -22.72 7.45
CA ASP B 236 -0.12 -22.57 8.87
C ASP B 236 -0.66 -23.79 9.64
N ALA B 237 -1.74 -24.38 9.13
CA ALA B 237 -2.30 -25.58 9.74
C ALA B 237 -1.24 -26.68 9.79
N ASP B 238 -0.44 -26.80 8.73
CA ASP B 238 0.67 -27.76 8.70
C ASP B 238 1.67 -27.49 9.81
N LEU B 239 1.91 -26.22 10.11
CA LEU B 239 2.85 -25.89 11.19
C LEU B 239 2.33 -26.38 12.52
N PHE B 240 1.03 -26.23 12.76
CA PHE B 240 0.42 -26.76 13.98
C PHE B 240 0.54 -28.27 14.07
N THR B 241 0.35 -28.95 12.94
CA THR B 241 0.46 -30.40 12.90
C THR B 241 1.85 -30.87 13.26
N LEU B 242 2.86 -30.23 12.67
CA LEU B 242 4.24 -30.53 12.97
C LEU B 242 4.57 -30.25 14.43
N GLY B 243 4.07 -29.12 14.94
CA GLY B 243 4.24 -28.79 16.34
C GLY B 243 3.67 -29.84 17.26
N GLU B 244 2.47 -30.34 16.95
CA GLU B 244 1.84 -31.39 17.73
C GLU B 244 2.65 -32.70 17.66
N ALA B 245 3.12 -33.06 16.48
CA ALA B 245 3.81 -34.33 16.29
C ALA B 245 5.19 -34.29 16.93
N CYS B 246 5.71 -33.08 17.10
CA CYS B 246 7.01 -32.85 17.72
C CYS B 246 6.91 -32.45 19.20
N ALA B 247 5.74 -32.62 19.81
CA ALA B 247 5.49 -32.08 21.14
C ALA B 247 6.50 -32.61 22.15
N ASN B 248 6.93 -33.84 21.93
CA ASN B 248 7.77 -34.54 22.88
C ASN B 248 9.25 -34.65 22.47
N LEU B 249 9.62 -33.99 21.38
CA LEU B 249 11.03 -33.91 21.01
C LEU B 249 11.65 -32.81 21.78
N PRO B 250 12.86 -33.05 22.30
CA PRO B 250 13.56 -32.00 23.02
C PRO B 250 14.01 -30.87 22.12
N LEU B 251 14.30 -31.16 20.85
CA LEU B 251 14.73 -30.13 19.90
C LEU B 251 13.85 -30.04 18.63
N ILE B 252 13.52 -28.81 18.25
CA ILE B 252 12.81 -28.48 17.00
C ILE B 252 13.62 -27.39 16.33
N THR B 253 13.80 -27.45 15.01
CA THR B 253 14.58 -26.40 14.35
C THR B 253 13.82 -25.82 13.14
N GLY B 254 14.09 -24.56 12.84
CA GLY B 254 13.37 -23.86 11.79
C GLY B 254 13.41 -22.36 11.89
N GLY B 255 12.46 -21.73 11.22
CA GLY B 255 12.25 -20.30 11.33
C GLY B 255 11.26 -20.05 12.44
N SER B 256 10.63 -18.88 12.41
N SER B 256 10.64 -18.86 12.42
CA SER B 256 9.66 -18.52 13.42
CA SER B 256 9.66 -18.50 13.38
C SER B 256 8.34 -19.29 13.24
C SER B 256 8.38 -19.32 13.23
N GLY B 257 8.05 -19.71 12.01
CA GLY B 257 6.82 -20.43 11.75
C GLY B 257 6.69 -21.68 12.60
N ILE B 258 7.77 -22.42 12.74
CA ILE B 258 7.66 -23.72 13.37
C ILE B 258 7.33 -23.61 14.86
N ALA B 259 7.46 -22.42 15.42
CA ALA B 259 7.13 -22.21 16.83
C ALA B 259 5.63 -22.00 17.01
N LEU B 260 4.90 -21.87 15.91
CA LEU B 260 3.52 -21.39 15.97
C LEU B 260 2.66 -22.25 16.89
N GLY B 261 2.87 -23.55 16.84
CA GLY B 261 2.03 -24.47 17.58
C GLY B 261 2.57 -24.90 18.93
N LEU B 262 3.73 -24.41 19.33
CA LEU B 262 4.38 -24.92 20.54
C LEU B 262 3.72 -24.38 21.81
N PRO B 263 3.28 -23.12 21.81
CA PRO B 263 2.56 -22.70 23.02
C PRO B 263 1.33 -23.56 23.25
N GLU B 264 0.60 -23.94 22.20
CA GLU B 264 -0.59 -24.77 22.39
C GLU B 264 -0.24 -26.15 22.97
N ASN B 265 0.92 -26.70 22.64
CA ASN B 265 1.31 -27.97 23.25
C ASN B 265 1.38 -27.80 24.76
N PHE B 266 2.00 -26.72 25.21
CA PHE B 266 2.16 -26.50 26.64
C PHE B 266 0.83 -26.24 27.33
N ARG B 267 -0.07 -25.53 26.67
CA ARG B 267 -1.38 -25.29 27.23
C ARG B 267 -2.13 -26.61 27.39
N ARG B 268 -2.14 -27.41 26.32
CA ARG B 268 -2.81 -28.72 26.32
C ARG B 268 -2.22 -29.68 27.35
N ALA B 269 -0.93 -29.55 27.63
CA ALA B 269 -0.27 -30.35 28.66
C ALA B 269 -0.59 -29.86 30.08
N GLY B 270 -1.21 -28.70 30.19
CA GLY B 270 -1.54 -28.15 31.50
C GLY B 270 -0.38 -27.43 32.13
N LEU B 271 0.69 -27.20 31.36
CA LEU B 271 1.88 -26.52 31.88
C LEU B 271 1.81 -24.99 31.74
N LEU B 272 0.96 -24.49 30.84
CA LEU B 272 0.86 -23.07 30.54
C LEU B 272 -0.60 -22.66 30.53
N PRO B 273 -0.95 -21.53 31.19
CA PRO B 273 -2.35 -21.09 31.19
C PRO B 273 -2.65 -20.32 29.90
N GLN B 274 -3.91 -20.10 29.59
CA GLN B 274 -4.31 -19.17 28.54
C GLN B 274 -3.88 -17.78 29.00
N ARG B 275 -3.29 -16.97 28.11
CA ARG B 275 -2.98 -15.58 28.44
C ARG B 275 -3.39 -14.66 27.29
N GLY B 276 -4.21 -13.67 27.64
CA GLY B 276 -4.51 -12.59 26.73
C GLY B 276 -3.42 -11.53 26.82
N ASP B 277 -2.70 -11.50 27.95
CA ASP B 277 -1.77 -10.43 28.21
C ASP B 277 -0.29 -10.84 28.14
N ALA B 278 0.06 -11.77 27.29
CA ALA B 278 1.45 -12.22 27.23
C ALA B 278 2.40 -11.07 26.87
N ALA B 279 1.89 -10.06 26.17
CA ALA B 279 2.70 -8.93 25.72
C ALA B 279 2.80 -7.80 26.75
N SER B 280 2.11 -7.95 27.86
CA SER B 280 2.05 -6.88 28.85
C SER B 280 3.44 -6.55 29.37
N VAL B 281 3.79 -5.27 29.30
CA VAL B 281 4.98 -4.76 29.97
C VAL B 281 4.67 -3.42 30.63
N PRO B 282 5.38 -3.10 31.72
CA PRO B 282 5.16 -1.80 32.39
C PRO B 282 5.41 -0.57 31.49
N ALA B 283 4.53 0.42 31.55
CA ALA B 283 4.86 1.73 30.96
C ALA B 283 6.03 2.31 31.76
N ILE B 284 7.03 2.82 31.06
CA ILE B 284 8.18 3.43 31.71
C ILE B 284 8.14 4.94 31.51
N ASP B 285 7.90 5.68 32.59
CA ASP B 285 7.75 7.13 32.50
C ASP B 285 9.10 7.79 32.71
N GLY B 286 9.43 8.73 31.83
CA GLY B 286 10.68 9.43 31.94
C GLY B 286 11.05 10.11 30.65
N PRO B 287 12.17 10.85 30.66
CA PRO B 287 12.72 11.47 29.46
C PRO B 287 12.90 10.45 28.35
N GLY B 288 12.69 10.90 27.13
CA GLY B 288 12.88 10.04 25.98
C GLY B 288 13.75 10.70 24.96
N VAL B 289 14.15 9.90 23.98
CA VAL B 289 15.00 10.37 22.89
C VAL B 289 14.80 9.45 21.68
N VAL B 290 15.07 9.98 20.49
CA VAL B 290 15.04 9.20 19.25
C VAL B 290 16.41 9.34 18.63
N LEU B 291 17.02 8.20 18.32
CA LEU B 291 18.35 8.14 17.77
C LEU B 291 18.27 7.39 16.43
N ALA B 292 18.52 8.09 15.33
CA ALA B 292 18.33 7.54 14.00
C ALA B 292 19.61 7.48 13.22
N GLY B 293 20.07 6.26 12.98
CA GLY B 293 21.26 6.02 12.19
C GLY B 293 20.95 4.94 11.16
N SER B 294 20.13 5.30 10.19
CA SER B 294 19.68 4.40 9.14
C SER B 294 19.39 5.19 7.88
N ALA B 295 19.86 4.64 6.76
CA ALA B 295 19.70 5.25 5.44
C ALA B 295 18.50 4.71 4.68
N SER B 296 17.72 3.84 5.30
CA SER B 296 16.56 3.21 4.66
C SER B 296 15.47 4.21 4.31
N ARG B 297 14.61 3.84 3.36
CA ARG B 297 13.51 4.73 2.98
C ARG B 297 12.53 4.99 4.14
N ALA B 298 12.26 3.97 4.94
CA ALA B 298 11.25 4.06 5.99
C ALA B 298 11.77 5.04 7.01
N THR B 299 13.06 4.95 7.33
CA THR B 299 13.63 5.87 8.31
C THR B 299 13.66 7.29 7.76
N ASN B 300 13.97 7.47 6.48
CA ASN B 300 13.99 8.81 5.91
C ASN B 300 12.63 9.46 6.05
N GLY B 301 11.58 8.67 5.80
CA GLY B 301 10.21 9.14 5.94
C GLY B 301 9.86 9.49 7.39
N GLN B 302 10.39 8.73 8.32
CA GLN B 302 10.13 8.98 9.75
C GLN B 302 10.82 10.28 10.23
N VAL B 303 12.02 10.51 9.73
CA VAL B 303 12.76 11.73 10.01
C VAL B 303 12.07 12.93 9.36
N ALA B 304 11.70 12.79 8.09
CA ALA B 304 10.99 13.83 7.39
C ALA B 304 9.70 14.24 8.14
N ARG B 305 8.98 13.26 8.68
CA ARG B 305 7.73 13.53 9.37
C ARG B 305 7.99 14.31 10.67
N TRP B 306 9.01 13.89 11.40
CA TRP B 306 9.41 14.54 12.64
C TRP B 306 9.69 16.01 12.39
N LEU B 307 10.44 16.28 11.33
CA LEU B 307 10.87 17.63 11.00
C LEU B 307 9.69 18.44 10.51
N GLU B 308 8.85 17.82 9.72
CA GLU B 308 7.67 18.49 9.17
C GLU B 308 6.73 18.90 10.30
N GLN B 309 6.71 18.11 11.37
CA GLN B 309 5.95 18.46 12.57
C GLN B 309 6.63 19.52 13.45
N GLY B 310 7.82 19.97 13.03
CA GLY B 310 8.54 20.99 13.76
C GLY B 310 9.07 20.52 15.10
N ARG B 311 9.27 19.21 15.26
CA ARG B 311 9.83 18.69 16.49
C ARG B 311 11.35 18.88 16.51
N PRO B 312 11.89 19.05 17.70
CA PRO B 312 13.30 19.41 17.80
C PRO B 312 14.20 18.27 17.37
N ALA B 313 15.22 18.62 16.62
CA ALA B 313 16.16 17.65 16.05
C ALA B 313 17.54 18.25 15.79
N LEU B 314 18.56 17.40 15.85
CA LEU B 314 19.91 17.82 15.58
C LEU B 314 20.49 16.82 14.63
N ARG B 315 20.96 17.30 13.48
CA ARG B 315 21.59 16.44 12.50
C ARG B 315 23.08 16.21 12.80
N ILE B 316 23.47 14.94 12.81
CA ILE B 316 24.87 14.57 12.92
C ILE B 316 25.51 14.59 11.52
N ASP B 317 26.67 15.25 11.42
CA ASP B 317 27.47 15.28 10.19
C ASP B 317 28.66 14.30 10.31
N PRO B 318 28.64 13.21 9.52
CA PRO B 318 29.73 12.23 9.59
C PRO B 318 31.09 12.87 9.38
N LEU B 319 31.15 13.92 8.55
CA LEU B 319 32.40 14.63 8.28
C LEU B 319 32.97 15.28 9.53
N ALA B 320 32.11 15.80 10.40
CA ALA B 320 32.55 16.38 11.65
C ALA B 320 33.09 15.32 12.60
N LEU B 321 32.44 14.15 12.60
CA LEU B 321 32.86 13.02 13.42
C LEU B 321 34.27 12.56 13.04
N ALA B 322 34.52 12.44 11.74
CA ALA B 322 35.84 12.06 11.22
C ALA B 322 36.94 13.00 11.71
N ARG B 323 36.58 14.28 11.85
CA ARG B 323 37.51 15.27 12.37
C ARG B 323 37.59 15.23 13.88
N GLY B 324 36.83 14.34 14.50
CA GLY B 324 36.80 14.24 15.96
C GLY B 324 36.11 15.38 16.70
N GLU B 325 35.18 16.04 16.05
CA GLU B 325 34.44 17.10 16.72
C GLU B 325 33.58 16.49 17.83
N ALA B 326 33.27 17.29 18.84
CA ALA B 326 32.51 16.83 20.00
C ALA B 326 31.00 16.90 19.73
N VAL B 327 30.58 16.20 18.69
CA VAL B 327 29.21 16.14 18.29
C VAL B 327 28.37 15.47 19.37
N ALA B 328 28.92 14.46 20.02
CA ALA B 328 28.11 13.78 21.02
C ALA B 328 27.78 14.73 22.15
N ASP B 329 28.73 15.57 22.53
CA ASP B 329 28.47 16.54 23.59
C ASP B 329 27.44 17.58 23.17
N ALA B 330 27.50 18.00 21.90
CA ALA B 330 26.51 18.94 21.36
C ALA B 330 25.10 18.34 21.37
N ALA B 331 25.01 17.06 21.05
CA ALA B 331 23.72 16.35 21.09
C ALA B 331 23.16 16.25 22.52
N LEU B 332 24.03 15.95 23.47
CA LEU B 332 23.60 15.88 24.88
C LEU B 332 23.11 17.23 25.38
N ALA B 333 23.81 18.29 25.02
CA ALA B 333 23.39 19.63 25.40
C ALA B 333 22.07 20.00 24.73
N PHE B 334 21.92 19.64 23.46
CA PHE B 334 20.68 19.89 22.72
C PHE B 334 19.50 19.20 23.45
N ALA B 335 19.66 17.93 23.81
CA ALA B 335 18.63 17.19 24.53
C ALA B 335 18.34 17.87 25.86
N ALA B 336 19.39 18.32 26.53
CA ALA B 336 19.27 18.86 27.89
C ALA B 336 18.38 20.09 27.90
N GLY B 337 18.42 20.86 26.83
CA GLY B 337 17.70 22.12 26.77
C GLY B 337 16.30 22.05 26.18
N HIS B 338 15.86 20.83 25.85
CA HIS B 338 14.52 20.61 25.34
C HIS B 338 13.69 19.75 26.27
N GLY B 339 12.48 20.22 26.60
CA GLY B 339 11.61 19.50 27.49
C GLY B 339 10.94 18.31 26.83
N GLU B 340 10.86 18.35 25.51
CA GLU B 340 10.26 17.25 24.75
C GLU B 340 11.39 16.38 24.22
N PRO B 341 11.09 15.11 23.88
CA PRO B 341 12.13 14.28 23.27
C PRO B 341 12.68 14.90 21.99
N VAL B 342 13.99 14.77 21.75
CA VAL B 342 14.58 15.26 20.52
C VAL B 342 14.97 14.09 19.64
N LEU B 343 15.19 14.40 18.37
CA LEU B 343 15.73 13.45 17.40
C LEU B 343 17.18 13.79 17.10
N ILE B 344 18.07 12.83 17.33
CA ILE B 344 19.45 12.94 16.89
C ILE B 344 19.58 11.99 15.74
N TYR B 345 19.90 12.52 14.57
CA TYR B 345 19.80 11.75 13.34
C TYR B 345 20.90 12.04 12.38
N ALA B 346 21.17 11.06 11.52
CA ALA B 346 21.98 11.30 10.36
C ALA B 346 21.14 10.79 9.21
N THR B 347 20.98 11.63 8.19
CA THR B 347 20.18 11.23 7.05
C THR B 347 20.84 11.70 5.76
N SER B 348 20.60 10.94 4.69
CA SER B 348 21.20 11.20 3.39
C SER B 348 20.74 12.53 2.77
N SER B 349 21.65 13.18 2.08
CA SER B 349 21.34 14.35 1.25
C SER B 349 22.34 14.34 0.14
N PRO B 350 21.91 14.75 -1.07
CA PRO B 350 22.80 14.74 -2.23
C PRO B 350 24.18 15.29 -1.90
N ASP B 351 24.21 16.42 -1.19
CA ASP B 351 25.45 17.08 -0.84
C ASP B 351 26.32 16.20 0.05
N GLU B 352 25.73 15.74 1.14
CA GLU B 352 26.49 14.93 2.08
C GLU B 352 26.90 13.61 1.44
N VAL B 353 26.01 13.02 0.64
CA VAL B 353 26.35 11.77 -0.01
C VAL B 353 27.60 11.96 -0.87
N LYS B 354 27.67 13.05 -1.65
CA LYS B 354 28.85 13.36 -2.44
C LYS B 354 30.08 13.55 -1.55
N ALA B 355 29.91 14.34 -0.50
CA ALA B 355 31.02 14.68 0.39
C ALA B 355 31.54 13.43 1.10
N VAL B 356 30.62 12.66 1.65
CA VAL B 356 30.98 11.40 2.33
C VAL B 356 31.71 10.42 1.43
N GLN B 357 31.27 10.31 0.16
CA GLN B 357 31.81 9.31 -0.74
C GLN B 357 33.29 9.53 -0.98
N ALA B 358 33.70 10.79 -1.06
CA ALA B 358 35.10 11.11 -1.33
C ALA B 358 35.95 10.95 -0.06
N GLU B 359 35.45 11.42 1.07
CA GLU B 359 36.29 11.58 2.26
C GLU B 359 36.34 10.33 3.13
N LEU B 360 35.25 9.56 3.13
CA LEU B 360 35.04 8.50 4.10
C LEU B 360 34.50 7.22 3.49
N GLY B 361 33.60 7.35 2.53
CA GLY B 361 32.81 6.23 2.08
C GLY B 361 31.60 6.01 2.97
N VAL B 362 30.54 5.49 2.38
CA VAL B 362 29.27 5.36 3.09
C VAL B 362 29.39 4.42 4.30
N GLU B 363 30.11 3.32 4.14
CA GLU B 363 30.19 2.35 5.22
C GLU B 363 30.83 2.98 6.46
N ARG B 364 31.99 3.59 6.26
CA ARG B 364 32.74 4.20 7.35
C ARG B 364 31.91 5.33 7.99
N ALA B 365 31.23 6.11 7.17
CA ALA B 365 30.39 7.20 7.66
C ALA B 365 29.29 6.65 8.58
N GLY B 366 28.64 5.59 8.14
CA GLY B 366 27.62 4.94 8.94
C GLY B 366 28.15 4.45 10.27
N HIS B 367 29.36 3.90 10.26
CA HIS B 367 29.94 3.39 11.50
C HIS B 367 30.18 4.49 12.50
N LEU B 368 30.69 5.63 12.02
CA LEU B 368 30.97 6.78 12.90
C LEU B 368 29.69 7.30 13.54
N VAL B 369 28.63 7.37 12.73
CA VAL B 369 27.31 7.78 13.20
C VAL B 369 26.79 6.81 14.25
N GLU B 370 26.90 5.50 13.98
CA GLU B 370 26.45 4.50 14.96
C GLU B 370 27.14 4.71 16.31
N GLN B 371 28.44 4.93 16.27
CA GLN B 371 29.20 5.11 17.48
C GLN B 371 28.84 6.41 18.20
N CYS B 372 28.53 7.45 17.44
CA CYS B 372 28.15 8.71 18.04
C CYS B 372 26.81 8.58 18.77
N LEU B 373 25.84 7.96 18.10
CA LEU B 373 24.53 7.74 18.70
C LEU B 373 24.65 6.86 19.92
N ALA B 374 25.55 5.89 19.89
CA ALA B 374 25.76 5.02 21.04
C ALA B 374 26.28 5.80 22.24
N THR B 375 27.23 6.69 21.98
CA THR B 375 27.81 7.50 23.04
C THR B 375 26.76 8.45 23.63
N VAL B 376 25.90 8.99 22.77
CA VAL B 376 24.82 9.87 23.21
C VAL B 376 23.85 9.08 24.10
N ALA B 377 23.49 7.87 23.69
CA ALA B 377 22.55 7.07 24.45
C ALA B 377 23.09 6.89 25.86
N ALA B 378 24.37 6.57 25.97
CA ALA B 378 24.99 6.27 27.25
C ALA B 378 25.00 7.49 28.15
N GLY B 379 25.29 8.66 27.57
CA GLY B 379 25.28 9.92 28.29
C GLY B 379 23.89 10.29 28.75
N LEU B 380 22.90 10.01 27.91
CA LEU B 380 21.51 10.31 28.27
C LEU B 380 21.04 9.39 29.40
N LEU B 381 21.47 8.14 29.35
CA LEU B 381 21.15 7.19 30.38
C LEU B 381 21.63 7.68 31.73
N ALA B 382 22.86 8.18 31.78
CA ALA B 382 23.47 8.65 33.03
C ALA B 382 22.78 9.91 33.55
N ARG B 383 22.11 10.62 32.67
CA ARG B 383 21.41 11.86 33.01
C ARG B 383 19.93 11.66 33.31
N GLY B 384 19.41 10.44 33.13
CA GLY B 384 18.05 10.15 33.54
C GLY B 384 17.10 9.74 32.43
N THR B 385 17.57 9.64 31.18
CA THR B 385 16.69 9.23 30.11
C THR B 385 16.28 7.76 30.26
N ARG B 386 15.00 7.47 30.03
CA ARG B 386 14.46 6.12 30.27
C ARG B 386 13.82 5.47 29.06
N ARG B 387 13.41 6.26 28.09
CA ARG B 387 12.79 5.73 26.86
C ARG B 387 13.67 6.03 25.65
N PHE B 388 14.08 4.98 24.93
CA PHE B 388 14.96 5.12 23.77
C PHE B 388 14.32 4.48 22.55
N VAL B 389 14.13 5.28 21.51
CA VAL B 389 13.67 4.83 20.21
C VAL B 389 14.86 4.92 19.28
N VAL B 390 15.17 3.82 18.61
CA VAL B 390 16.38 3.74 17.83
C VAL B 390 16.04 3.17 16.44
N ALA B 391 16.53 3.83 15.40
CA ALA B 391 16.28 3.41 14.03
C ALA B 391 17.59 2.92 13.39
N GLY B 392 17.54 1.71 12.84
CA GLY B 392 18.71 1.08 12.25
C GLY B 392 19.16 -0.11 13.05
N GLY B 393 19.38 -1.23 12.36
CA GLY B 393 19.77 -2.47 13.01
C GLY B 393 21.11 -2.37 13.70
N GLU B 394 22.12 -1.91 12.97
CA GLU B 394 23.47 -1.83 13.55
C GLU B 394 23.47 -0.74 14.60
N THR B 395 22.71 0.32 14.34
CA THR B 395 22.61 1.39 15.31
C THR B 395 21.97 0.89 16.58
N SER B 396 20.91 0.07 16.44
CA SER B 396 20.29 -0.56 17.60
C SER B 396 21.32 -1.37 18.40
N GLY B 397 22.10 -2.20 17.73
CA GLY B 397 23.11 -3.01 18.39
C GLY B 397 24.11 -2.17 19.17
N ALA B 398 24.60 -1.11 18.54
CA ALA B 398 25.56 -0.24 19.17
C ALA B 398 24.97 0.48 20.38
N VAL B 399 23.70 0.90 20.30
CA VAL B 399 23.06 1.57 21.43
C VAL B 399 22.82 0.59 22.57
N VAL B 400 22.32 -0.60 22.24
CA VAL B 400 22.04 -1.59 23.25
C VAL B 400 23.32 -1.91 24.03
N GLN B 401 24.44 -2.02 23.32
CA GLN B 401 25.69 -2.34 23.99
C GLN B 401 26.14 -1.16 24.87
N ALA B 402 26.03 0.05 24.36
CA ALA B 402 26.41 1.25 25.12
C ALA B 402 25.57 1.43 26.38
N LEU B 403 24.31 0.97 26.33
CA LEU B 403 23.41 1.09 27.48
C LEU B 403 23.63 -0.04 28.49
N GLY B 404 24.42 -1.03 28.10
CA GLY B 404 24.72 -2.16 28.98
C GLY B 404 23.52 -3.08 29.12
N VAL B 405 22.65 -3.07 28.12
CA VAL B 405 21.43 -3.88 28.16
C VAL B 405 21.73 -5.35 27.86
N ARG B 406 21.32 -6.23 28.77
CA ARG B 406 21.60 -7.66 28.67
C ARG B 406 20.41 -8.53 28.27
N ALA B 407 19.19 -8.05 28.51
CA ALA B 407 17.98 -8.79 28.18
C ALA B 407 16.77 -7.87 28.15
N LEU B 408 15.76 -8.31 27.41
CA LEU B 408 14.56 -7.52 27.18
C LEU B 408 13.31 -8.37 27.35
N ARG B 409 12.33 -7.82 28.05
CA ARG B 409 10.99 -8.39 28.05
C ARG B 409 10.28 -7.89 26.80
N ILE B 410 9.63 -8.79 26.08
CA ILE B 410 9.04 -8.43 24.81
C ILE B 410 7.58 -8.05 24.90
N GLY B 411 7.30 -6.80 24.54
CA GLY B 411 5.96 -6.27 24.57
C GLY B 411 5.26 -6.28 23.24
N ALA B 412 4.27 -5.42 23.11
CA ALA B 412 3.41 -5.41 21.93
C ALA B 412 4.12 -4.74 20.75
N GLN B 413 3.67 -5.10 19.55
CA GLN B 413 4.25 -4.54 18.36
C GLN B 413 3.74 -3.13 18.07
N ILE B 414 4.65 -2.16 18.10
CA ILE B 414 4.38 -0.77 17.77
C ILE B 414 4.02 -0.63 16.28
N ALA B 415 4.80 -1.34 15.49
CA ALA B 415 4.59 -1.57 14.06
C ALA B 415 4.91 -3.02 13.78
N PRO B 416 4.48 -3.53 12.62
CA PRO B 416 4.79 -4.94 12.36
C PRO B 416 6.28 -5.25 12.51
N GLY B 417 6.59 -6.24 13.34
CA GLY B 417 7.96 -6.67 13.54
C GLY B 417 8.75 -5.94 14.61
N VAL B 418 8.19 -4.88 15.21
CA VAL B 418 8.93 -4.02 16.13
C VAL B 418 8.20 -3.91 17.47
N PRO B 419 8.67 -4.65 18.48
CA PRO B 419 8.02 -4.63 19.78
C PRO B 419 8.48 -3.50 20.66
N ALA B 420 7.61 -3.03 21.52
CA ALA B 420 8.06 -2.27 22.69
C ALA B 420 8.71 -3.29 23.60
N THR B 421 9.84 -2.93 24.19
CA THR B 421 10.53 -3.81 25.10
C THR B 421 10.96 -3.07 26.36
N VAL B 422 11.09 -3.83 27.44
CA VAL B 422 11.60 -3.27 28.67
C VAL B 422 12.71 -4.13 29.20
N THR B 423 13.62 -3.44 29.83
CA THR B 423 14.83 -4.01 30.38
C THR B 423 14.42 -4.72 31.70
N LEU B 424 15.27 -5.58 32.28
CA LEU B 424 14.90 -6.32 33.50
C LEU B 424 15.36 -5.67 34.83
N ASP B 425 15.87 -4.45 34.76
CA ASP B 425 16.30 -3.72 35.96
C ASP B 425 15.13 -3.39 36.89
N ALA B 426 15.44 -3.20 38.18
CA ALA B 426 14.49 -2.69 39.14
C ALA B 426 13.83 -1.43 38.61
N LYS B 427 14.62 -0.55 38.00
CA LYS B 427 14.09 0.59 37.28
C LYS B 427 14.35 0.42 35.78
N PRO B 428 13.38 -0.18 35.07
CA PRO B 428 13.69 -0.56 33.69
C PRO B 428 13.88 0.63 32.75
N LEU B 429 14.54 0.38 31.63
CA LEU B 429 14.48 1.23 30.47
C LEU B 429 13.45 0.67 29.50
N ALA B 430 12.87 1.54 28.68
CA ALA B 430 12.00 1.11 27.62
C ALA B 430 12.72 1.39 26.28
N LEU B 431 12.77 0.39 25.43
CA LEU B 431 13.42 0.53 24.13
C LEU B 431 12.48 0.13 23.00
N ALA B 432 12.59 0.85 21.90
CA ALA B 432 12.00 0.42 20.64
C ALA B 432 13.15 0.40 19.63
N LEU B 433 13.60 -0.80 19.30
CA LEU B 433 14.71 -1.01 18.38
C LEU B 433 14.21 -1.37 17.00
N LYS B 434 14.25 -0.40 16.09
CA LYS B 434 13.60 -0.49 14.78
C LYS B 434 14.60 -0.83 13.69
N SER B 435 14.45 -1.99 13.08
CA SER B 435 15.19 -2.29 11.88
C SER B 435 14.85 -1.21 10.84
N GLY B 436 15.81 -0.87 10.00
CA GLY B 436 15.73 0.30 9.15
C GLY B 436 14.48 0.41 8.28
N ASN B 437 14.01 -0.71 7.76
CA ASN B 437 12.90 -0.68 6.81
C ASN B 437 11.52 -0.82 7.42
N PHE B 438 11.45 -0.88 8.75
CA PHE B 438 10.20 -1.13 9.45
C PHE B 438 9.52 0.16 9.88
N GLY B 439 8.25 0.04 10.19
CA GLY B 439 7.46 1.16 10.66
C GLY B 439 7.04 2.08 9.53
N GLY B 440 6.02 2.88 9.80
CA GLY B 440 5.57 3.91 8.87
C GLY B 440 6.01 5.28 9.33
N PRO B 441 5.48 6.33 8.68
CA PRO B 441 5.94 7.71 8.82
C PRO B 441 5.93 8.24 10.24
N ASP B 442 4.95 7.83 11.04
CA ASP B 442 4.83 8.37 12.40
C ASP B 442 5.42 7.46 13.48
N PHE B 443 6.31 6.55 13.08
CA PHE B 443 6.81 5.57 14.02
C PHE B 443 7.45 6.21 15.25
N PHE B 444 8.21 7.29 15.07
CA PHE B 444 8.94 7.84 16.21
C PHE B 444 8.00 8.27 17.34
N ASP B 445 6.94 8.99 17.01
CA ASP B 445 5.93 9.40 17.99
C ASP B 445 5.14 8.23 18.55
N GLU B 446 4.79 7.29 17.69
CA GLU B 446 4.01 6.12 18.09
C GLU B 446 4.80 5.34 19.14
N ALA B 447 6.08 5.15 18.86
CA ALA B 447 6.93 4.38 19.74
C ALA B 447 7.16 5.10 21.06
N LEU B 448 7.45 6.39 21.00
CA LEU B 448 7.69 7.17 22.22
C LEU B 448 6.48 7.03 23.15
N ARG B 449 5.29 7.21 22.57
CA ARG B 449 4.05 7.12 23.35
C ARG B 449 3.78 5.72 23.88
N GLN B 450 4.05 4.69 23.08
CA GLN B 450 3.75 3.34 23.54
C GLN B 450 4.70 2.94 24.68
N LEU B 451 5.94 3.40 24.64
CA LEU B 451 6.93 2.98 25.64
C LEU B 451 6.59 3.52 27.01
N GLY B 452 6.02 4.73 27.07
CA GLY B 452 5.56 5.27 28.34
C GLY B 452 5.33 6.78 28.33
N GLY B 453 5.11 7.34 29.52
CA GLY B 453 4.87 8.76 29.69
C GLY B 453 6.10 9.54 30.11
N HIS B 454 5.87 10.71 30.69
CA HIS B 454 6.91 11.72 30.79
C HIS B 454 7.68 11.72 32.11
PB ADP C . -16.03 2.91 -11.86
O1B ADP C . -15.11 4.07 -12.21
O2B ADP C . -15.38 1.57 -12.18
O3B ADP C . -17.43 3.06 -12.43
PA ADP C . -16.94 3.75 -9.21
O1A ADP C . -16.11 3.99 -8.02
O2A ADP C . -17.60 4.86 -9.96
O3A ADP C . -16.08 2.82 -10.23
O5' ADP C . -18.17 2.78 -8.85
C5' ADP C . -17.98 1.52 -8.22
C4' ADP C . -19.08 1.32 -7.19
O4' ADP C . -19.12 -0.04 -6.80
C3' ADP C . -18.82 2.12 -5.92
O3' ADP C . -20.05 2.59 -5.34
C2' ADP C . -18.18 1.10 -5.03
O2' ADP C . -18.20 1.47 -3.66
C1' ADP C . -18.97 -0.12 -5.39
N9 ADP C . -18.25 -1.33 -4.99
C8 ADP C . -16.93 -1.56 -5.12
N7 ADP C . -16.59 -2.77 -4.62
C5 ADP C . -17.75 -3.31 -4.16
C6 ADP C . -18.11 -4.55 -3.48
N6 ADP C . -17.12 -5.45 -3.25
N1 ADP C . -19.40 -4.76 -3.17
C2 ADP C . -20.37 -3.84 -3.44
N3 ADP C . -20.12 -2.65 -4.04
C4 ADP C . -18.84 -2.36 -4.40
H5'1 ADP C . -17.00 1.49 -7.74
H5'2 ADP C . -18.02 0.73 -8.97
H4' ADP C . -20.05 1.62 -7.62
H3' ADP C . -18.12 2.94 -6.13
HO3' ADP C . -19.85 3.10 -4.54
H2' ADP C . -17.13 0.96 -5.36
HO2' ADP C . -17.71 2.30 -3.55
H1' ADP C . -19.95 -0.08 -4.90
H8 ADP C . -16.22 -0.88 -5.57
HN61 ADP C . -16.18 -5.24 -3.53
HN62 ADP C . -17.34 -6.33 -2.81
H2 ADP C . -21.38 -4.07 -3.14
#